data_5XQI
#
_entry.id   5XQI
#
_cell.length_a   169.372
_cell.length_b   169.372
_cell.length_c   220.323
_cell.angle_alpha   90.00
_cell.angle_beta   90.00
_cell.angle_gamma   120.00
#
_symmetry.space_group_name_H-M   'H 3'
#
loop_
_entity.id
_entity.type
_entity.pdbx_description
1 polymer 'Protein rogdi homolog'
2 water water
#
_entity_poly.entity_id   1
_entity_poly.type   'polypeptide(L)'
_entity_poly.pdbx_seq_one_letter_code
;SGMATVMAATAAERAVLEEEFRWLLHDEVHAVLKQLQDILKEASLRFTLPGSGTEGPAKQENFILGSCGTDQVKGVLTLQ
GDALSQADVNLKMPRNNQLLHFAFREDKQWKLQQIQDARNHVSQAIYLLTSRDQSYQFKTGAEVLKLMDAVMLQLTRARN
RLTTPATLTLPEIAASGLTRMFAPALPSDLLVNVYINLNKLCLTVYQLHALQPNSTKNFRPAGGAVLHSPGAMFEWGSQR
LEVSHVHKVECVIPWLNDALVYFTVSLQLCQQLKDKISVFSSYWSYRPF
;
_entity_poly.pdbx_strand_id   A,B,C,D
#
# COMPACT_ATOMS: atom_id res chain seq x y z
N MET A 3 -23.22 -10.41 -67.31
CA MET A 3 -23.16 -11.78 -66.79
C MET A 3 -21.73 -12.22 -66.54
N ALA A 4 -20.82 -11.80 -67.41
CA ALA A 4 -19.42 -12.19 -67.29
C ALA A 4 -18.75 -11.35 -66.21
N THR A 5 -19.20 -10.10 -66.10
CA THR A 5 -18.74 -9.19 -65.06
C THR A 5 -19.14 -9.71 -63.68
N VAL A 6 -20.39 -10.16 -63.58
CA VAL A 6 -20.90 -10.76 -62.34
C VAL A 6 -20.07 -11.96 -61.91
N MET A 7 -19.87 -12.91 -62.81
CA MET A 7 -19.11 -14.11 -62.50
C MET A 7 -17.65 -13.77 -62.15
N ALA A 8 -17.12 -12.76 -62.80
CA ALA A 8 -15.74 -12.34 -62.61
C ALA A 8 -15.51 -11.63 -61.27
N ALA A 9 -16.49 -10.84 -60.84
CA ALA A 9 -16.37 -10.00 -59.65
C ALA A 9 -16.00 -10.78 -58.39
N THR A 10 -14.82 -10.47 -57.85
CA THR A 10 -14.36 -11.03 -56.58
C THR A 10 -14.67 -10.12 -55.40
N ALA A 11 -15.43 -10.63 -54.44
CA ALA A 11 -15.80 -9.88 -53.25
C ALA A 11 -14.59 -9.57 -52.37
N ALA A 12 -14.69 -8.49 -51.61
CA ALA A 12 -13.65 -8.13 -50.64
C ALA A 12 -13.60 -9.16 -49.51
N GLU A 13 -12.40 -9.62 -49.18
CA GLU A 13 -12.26 -10.64 -48.15
C GLU A 13 -12.46 -10.00 -46.77
N ARG A 14 -13.03 -10.77 -45.85
CA ARG A 14 -13.32 -10.28 -44.51
C ARG A 14 -12.06 -10.00 -43.70
N ALA A 15 -12.11 -8.93 -42.91
CA ALA A 15 -10.98 -8.50 -42.08
C ALA A 15 -10.55 -9.55 -41.06
N VAL A 16 -9.24 -9.77 -40.97
CA VAL A 16 -8.68 -10.60 -39.92
C VAL A 16 -8.65 -9.82 -38.61
N LEU A 17 -9.29 -10.36 -37.58
CA LEU A 17 -9.36 -9.70 -36.27
C LEU A 17 -7.97 -9.46 -35.67
N GLU A 18 -7.12 -10.47 -35.75
CA GLU A 18 -5.75 -10.39 -35.24
C GLU A 18 -4.96 -9.26 -35.88
N GLU A 19 -5.13 -9.15 -37.19
CA GLU A 19 -4.46 -8.15 -38.01
C GLU A 19 -4.83 -6.75 -37.54
N GLU A 20 -6.14 -6.51 -37.48
CA GLU A 20 -6.68 -5.22 -37.07
C GLU A 20 -6.28 -4.83 -35.65
N PHE A 21 -6.33 -5.79 -34.72
CA PHE A 21 -5.91 -5.53 -33.35
C PHE A 21 -4.42 -5.20 -33.29
N ARG A 22 -3.62 -5.85 -34.13
CA ARG A 22 -2.19 -5.56 -34.15
C ARG A 22 -1.86 -4.17 -34.69
N TRP A 23 -2.57 -3.76 -35.73
CA TRP A 23 -2.36 -2.44 -36.32
C TRP A 23 -2.78 -1.36 -35.33
N LEU A 24 -3.93 -1.59 -34.71
CA LEU A 24 -4.44 -0.71 -33.67
C LEU A 24 -3.43 -0.59 -32.54
N LEU A 25 -2.92 -1.72 -32.07
CA LEU A 25 -1.98 -1.74 -30.95
C LEU A 25 -0.67 -1.03 -31.28
N HIS A 26 -0.18 -1.18 -32.51
CA HIS A 26 1.02 -0.48 -32.93
C HIS A 26 0.79 1.03 -32.85
N ASP A 27 -0.30 1.46 -33.47
CA ASP A 27 -0.65 2.88 -33.47
C ASP A 27 -0.82 3.42 -32.05
N GLU A 28 -1.44 2.63 -31.19
CA GLU A 28 -1.63 3.02 -29.79
C GLU A 28 -0.31 3.17 -29.06
N VAL A 29 0.59 2.21 -29.26
CA VAL A 29 1.90 2.27 -28.63
C VAL A 29 2.59 3.59 -28.97
N HIS A 30 2.68 3.90 -30.25
CA HIS A 30 3.38 5.13 -30.64
C HIS A 30 2.65 6.43 -30.25
N ALA A 31 1.32 6.44 -30.41
CA ALA A 31 0.50 7.56 -29.94
C ALA A 31 0.74 7.85 -28.47
N VAL A 32 0.61 6.82 -27.64
CA VAL A 32 0.81 6.95 -26.20
C VAL A 32 2.21 7.43 -25.87
N LEU A 33 3.22 6.89 -26.56
CA LEU A 33 4.60 7.34 -26.32
C LEU A 33 4.72 8.85 -26.58
N LYS A 34 4.18 9.31 -27.71
CA LYS A 34 4.21 10.73 -28.04
C LYS A 34 3.49 11.60 -27.00
N GLN A 35 2.29 11.17 -26.60
CA GLN A 35 1.53 11.89 -25.60
C GLN A 35 2.27 11.99 -24.28
N LEU A 36 2.91 10.89 -23.90
CA LEU A 36 3.73 10.87 -22.69
C LEU A 36 4.86 11.89 -22.79
N GLN A 37 5.47 12.00 -23.97
CA GLN A 37 6.53 12.98 -24.15
C GLN A 37 5.98 14.40 -24.00
N ASP A 38 4.82 14.68 -24.59
CA ASP A 38 4.20 16.01 -24.47
C ASP A 38 3.91 16.37 -23.01
N ILE A 39 3.12 15.53 -22.37
CA ILE A 39 2.70 15.72 -20.99
C ILE A 39 3.89 15.90 -20.06
N LEU A 40 4.90 15.03 -20.21
CA LEU A 40 6.06 15.08 -19.33
C LEU A 40 6.94 16.29 -19.60
N LYS A 41 6.99 16.74 -20.85
CA LYS A 41 7.78 17.93 -21.16
C LYS A 41 7.15 19.18 -20.57
N GLU A 42 5.82 19.26 -20.58
CA GLU A 42 5.18 20.39 -19.89
C GLU A 42 5.28 20.27 -18.37
N ALA A 43 5.15 19.05 -17.86
CA ALA A 43 5.33 18.81 -16.43
C ALA A 43 6.71 19.31 -16.02
N SER A 44 7.68 19.12 -16.91
CA SER A 44 9.03 19.62 -16.71
C SER A 44 9.03 21.14 -16.72
N LEU A 45 8.29 21.72 -17.67
CA LEU A 45 8.19 23.17 -17.79
C LEU A 45 7.62 23.83 -16.54
N ARG A 46 6.80 23.10 -15.79
CA ARG A 46 6.29 23.61 -14.51
C ARG A 46 7.41 23.88 -13.50
N PHE A 47 8.54 23.21 -13.70
CA PHE A 47 9.67 23.28 -12.77
C PHE A 47 10.62 24.41 -13.13
N THR A 48 10.33 25.13 -14.20
CA THR A 48 11.24 26.17 -14.68
C THR A 48 10.68 27.57 -14.47
N LEU A 49 11.59 28.48 -14.15
CA LEU A 49 11.30 29.91 -13.96
C LEU A 49 10.50 30.49 -15.11
N ALA A 58 1.22 33.18 -17.01
CA ALA A 58 2.15 33.55 -15.95
C ALA A 58 2.15 32.51 -14.83
N LYS A 59 3.26 32.41 -14.12
CA LYS A 59 3.40 31.40 -13.07
C LYS A 59 3.69 32.06 -11.73
N GLN A 60 2.90 31.68 -10.72
CA GLN A 60 2.92 32.32 -9.40
C GLN A 60 4.23 32.11 -8.64
N GLU A 61 4.68 33.14 -7.94
CA GLU A 61 5.95 33.10 -7.22
C GLU A 61 5.81 33.38 -5.74
N ASN A 62 4.84 34.21 -5.38
CA ASN A 62 4.58 34.58 -3.99
C ASN A 62 3.39 33.83 -3.42
N PHE A 63 3.55 33.27 -2.23
CA PHE A 63 2.51 32.44 -1.64
C PHE A 63 2.20 32.86 -0.21
N ILE A 64 0.92 32.89 0.11
CA ILE A 64 0.49 33.30 1.45
C ILE A 64 0.08 32.09 2.28
N LEU A 65 0.76 31.94 3.41
CA LEU A 65 0.54 30.83 4.32
C LEU A 65 0.02 31.35 5.66
N GLY A 66 -1.20 30.94 6.00
CA GLY A 66 -1.78 31.32 7.29
C GLY A 66 -2.65 32.54 7.20
N SER A 67 -3.55 32.69 8.17
CA SER A 67 -4.37 33.90 8.27
C SER A 67 -4.01 34.67 9.54
N CYS A 68 -4.53 35.89 9.65
CA CYS A 68 -4.27 36.73 10.82
C CYS A 68 -5.04 36.26 12.05
N GLY A 69 -6.31 35.91 11.87
CA GLY A 69 -7.15 35.54 13.00
C GLY A 69 -7.07 34.10 13.45
N THR A 70 -7.04 33.17 12.51
CA THR A 70 -7.10 31.75 12.86
C THR A 70 -5.75 31.18 13.30
N ASP A 71 -4.65 31.74 12.79
CA ASP A 71 -3.33 31.24 13.13
C ASP A 71 -2.52 32.24 13.95
N GLN A 72 -1.36 31.79 14.44
CA GLN A 72 -0.43 32.64 15.16
C GLN A 72 0.87 32.70 14.38
N VAL A 73 0.80 32.22 13.14
CA VAL A 73 1.88 32.37 12.18
C VAL A 73 1.33 32.79 10.84
N LYS A 74 1.98 33.76 10.20
CA LYS A 74 1.62 34.10 8.84
C LYS A 74 2.90 34.32 8.06
N GLY A 75 2.87 34.02 6.77
CA GLY A 75 4.08 34.04 5.98
C GLY A 75 3.83 34.29 4.51
N VAL A 76 4.72 35.02 3.88
CA VAL A 76 4.68 35.18 2.44
C VAL A 76 5.99 34.64 1.93
N LEU A 77 5.92 33.47 1.29
CA LEU A 77 7.12 32.79 0.85
C LEU A 77 7.22 32.87 -0.66
N THR A 78 8.39 33.28 -1.12
CA THR A 78 8.69 33.36 -2.54
C THR A 78 9.49 32.14 -2.93
N LEU A 79 8.85 31.33 -3.78
CA LEU A 79 9.35 30.04 -4.22
C LEU A 79 9.62 30.06 -5.72
N GLN A 80 10.90 29.99 -6.09
CA GLN A 80 11.30 30.02 -7.49
C GLN A 80 11.90 28.68 -7.93
N GLY A 81 11.11 27.86 -8.61
CA GLY A 81 11.54 26.54 -9.02
C GLY A 81 11.65 25.61 -7.84
N ASP A 82 12.87 25.28 -7.45
CA ASP A 82 13.11 24.44 -6.28
C ASP A 82 13.63 25.30 -5.13
N ALA A 83 13.85 26.56 -5.43
CA ALA A 83 14.50 27.48 -4.52
C ALA A 83 13.54 28.39 -3.76
N LEU A 84 13.58 28.30 -2.43
CA LEU A 84 12.87 29.24 -1.58
C LEU A 84 13.66 30.54 -1.46
N SER A 85 13.41 31.47 -2.37
CA SER A 85 14.16 32.71 -2.43
C SER A 85 13.79 33.66 -1.30
N GLN A 86 12.55 33.60 -0.82
CA GLN A 86 12.18 34.43 0.33
C GLN A 86 11.18 33.77 1.27
N ALA A 87 11.26 34.12 2.55
CA ALA A 87 10.29 33.65 3.52
C ALA A 87 10.06 34.78 4.50
N ASP A 88 8.96 35.50 4.32
CA ASP A 88 8.74 36.69 5.12
C ASP A 88 7.65 36.37 6.15
N VAL A 89 8.05 36.30 7.41
CA VAL A 89 7.21 35.69 8.43
C VAL A 89 6.89 36.57 9.65
N ASN A 90 5.62 36.60 10.02
CA ASN A 90 5.15 37.20 11.26
C ASN A 90 4.62 36.16 12.23
N LEU A 91 5.09 36.23 13.47
CA LEU A 91 4.69 35.29 14.50
C LEU A 91 4.01 36.03 15.63
N LYS A 92 2.77 35.68 15.96
CA LYS A 92 2.12 36.35 17.08
C LYS A 92 2.33 35.56 18.36
N MET A 93 3.54 35.70 18.90
CA MET A 93 3.98 34.98 20.09
C MET A 93 4.66 35.93 21.06
N PRO A 94 4.88 35.51 22.32
CA PRO A 94 4.23 34.43 23.07
C PRO A 94 2.83 34.82 23.56
N ARG A 95 2.62 36.11 23.80
CA ARG A 95 1.33 36.67 24.18
C ARG A 95 0.49 37.12 22.98
N ASN A 96 -0.81 37.30 23.18
CA ASN A 96 -1.72 37.53 22.05
C ASN A 96 -1.82 39.00 21.64
N ASN A 97 -0.84 39.81 22.04
CA ASN A 97 -0.76 41.18 21.57
C ASN A 97 0.63 41.53 21.05
N GLN A 98 1.56 40.59 21.19
CA GLN A 98 2.92 40.81 20.72
C GLN A 98 3.09 40.17 19.36
N LEU A 99 4.16 40.53 18.65
CA LEU A 99 4.39 40.03 17.31
C LEU A 99 5.86 40.16 17.00
N LEU A 100 6.48 39.10 16.49
CA LEU A 100 7.86 39.17 16.04
C LEU A 100 7.95 38.91 14.55
N HIS A 101 9.02 39.41 13.95
CA HIS A 101 9.14 39.44 12.50
C HIS A 101 10.50 38.97 12.02
N PHE A 102 10.47 38.09 11.02
CA PHE A 102 11.69 37.55 10.43
C PHE A 102 11.58 37.48 8.91
N ALA A 103 12.73 37.45 8.24
CA ALA A 103 12.77 37.39 6.78
C ALA A 103 14.15 36.95 6.29
N PHE A 104 14.18 36.43 5.07
CA PHE A 104 15.42 35.96 4.44
C PHE A 104 16.48 37.07 4.65
N ARG A 105 17.75 36.68 4.65
CA ARG A 105 18.83 37.63 4.76
C ARG A 105 19.48 38.46 3.70
N GLU A 106 19.97 37.83 2.65
CA GLU A 106 20.61 38.54 1.55
C GLU A 106 19.99 37.72 0.43
N ASP A 107 20.53 37.88 -0.78
CA ASP A 107 20.03 37.17 -1.95
C ASP A 107 20.30 35.66 -1.84
N LYS A 108 19.63 35.01 -0.90
CA LYS A 108 19.79 33.57 -0.70
C LYS A 108 18.69 32.70 -1.35
N GLN A 109 19.00 31.44 -1.60
CA GLN A 109 18.10 30.49 -2.26
C GLN A 109 18.00 29.32 -1.27
N TRP A 110 16.82 28.98 -0.76
CA TRP A 110 16.75 27.75 0.06
C TRP A 110 16.23 26.67 -0.85
N LYS A 111 17.02 25.63 -1.01
CA LYS A 111 16.68 24.61 -1.98
C LYS A 111 15.74 23.62 -1.32
N LEU A 112 14.59 23.40 -1.96
CA LEU A 112 13.68 22.36 -1.53
C LEU A 112 14.06 21.09 -2.28
N GLN A 113 14.70 20.17 -1.56
CA GLN A 113 15.33 19.02 -2.19
C GLN A 113 14.31 18.15 -2.91
N GLN A 114 13.10 18.11 -2.36
CA GLN A 114 12.01 17.35 -2.94
C GLN A 114 11.76 17.76 -4.39
N ILE A 115 11.77 19.07 -4.63
CA ILE A 115 11.48 19.62 -5.94
C ILE A 115 12.61 19.30 -6.94
N GLN A 116 13.86 19.45 -6.49
CA GLN A 116 15.01 19.12 -7.32
C GLN A 116 15.01 17.63 -7.71
N ASP A 117 14.82 16.77 -6.73
CA ASP A 117 14.76 15.33 -6.96
C ASP A 117 13.65 14.94 -7.93
N ALA A 118 12.44 15.43 -7.66
CA ALA A 118 11.30 15.17 -8.52
C ALA A 118 11.62 15.61 -9.95
N ARG A 119 12.22 16.79 -10.07
CA ARG A 119 12.55 17.33 -11.38
C ARG A 119 13.54 16.42 -12.10
N ASN A 120 14.48 15.87 -11.33
CA ASN A 120 15.47 14.94 -11.86
C ASN A 120 14.81 13.69 -12.43
N HIS A 121 13.89 13.12 -11.65
CA HIS A 121 13.16 11.95 -12.11
C HIS A 121 12.35 12.23 -13.37
N VAL A 122 11.74 13.41 -13.43
CA VAL A 122 11.01 13.82 -14.63
C VAL A 122 11.94 13.83 -15.83
N SER A 123 13.11 14.45 -15.64
CA SER A 123 14.13 14.51 -16.68
C SER A 123 14.52 13.11 -17.15
N GLN A 124 14.69 12.20 -16.21
CA GLN A 124 15.07 10.82 -16.55
C GLN A 124 13.98 10.13 -17.37
N ALA A 125 12.73 10.28 -16.96
CA ALA A 125 11.62 9.70 -17.72
C ALA A 125 11.57 10.22 -19.15
N ILE A 126 11.68 11.55 -19.27
CA ILE A 126 11.65 12.21 -20.57
C ILE A 126 12.81 11.69 -21.41
N TYR A 127 13.95 11.46 -20.76
CA TYR A 127 15.11 10.90 -21.43
C TYR A 127 14.80 9.51 -21.98
N LEU A 128 14.20 8.67 -21.14
CA LEU A 128 13.81 7.33 -21.55
C LEU A 128 12.91 7.37 -22.78
N LEU A 129 12.08 8.40 -22.88
CA LEU A 129 11.17 8.50 -24.02
C LEU A 129 11.85 9.09 -25.27
N THR A 130 12.79 10.01 -25.06
CA THR A 130 13.43 10.73 -26.16
C THR A 130 14.76 10.12 -26.62
N SER A 131 15.22 9.08 -25.91
CA SER A 131 16.50 8.46 -26.23
C SER A 131 16.23 7.30 -27.15
N ARG A 132 15.17 7.44 -27.92
CA ARG A 132 14.72 6.42 -28.84
C ARG A 132 14.51 7.03 -30.21
N ASP A 133 14.71 6.22 -31.24
CA ASP A 133 14.39 6.65 -32.59
C ASP A 133 12.89 6.40 -32.59
N GLN A 134 12.09 7.43 -32.81
CA GLN A 134 10.65 7.25 -32.71
C GLN A 134 10.11 6.65 -34.01
N SER A 135 11.03 6.26 -34.86
CA SER A 135 10.75 5.40 -36.01
C SER A 135 11.31 4.02 -35.68
N TYR A 136 11.28 3.64 -34.40
CA TYR A 136 11.79 2.35 -33.97
C TYR A 136 10.65 1.41 -33.69
N GLN A 137 10.54 0.44 -34.56
CA GLN A 137 9.64 -0.69 -34.39
C GLN A 137 10.11 -1.57 -33.25
N PHE A 138 9.19 -1.97 -32.39
CA PHE A 138 9.55 -2.79 -31.24
C PHE A 138 9.50 -4.24 -31.68
N LYS A 139 10.20 -5.13 -30.99
CA LYS A 139 10.43 -6.46 -31.52
C LYS A 139 9.40 -7.36 -30.86
N THR A 140 9.46 -7.45 -29.54
CA THR A 140 8.45 -8.14 -28.75
C THR A 140 7.53 -7.14 -28.04
N GLY A 141 6.52 -7.65 -27.36
CA GLY A 141 5.63 -6.80 -26.57
C GLY A 141 6.28 -6.57 -25.22
N ALA A 142 7.11 -7.54 -24.83
CA ALA A 142 7.86 -7.46 -23.59
C ALA A 142 8.81 -6.26 -23.53
N GLU A 143 9.27 -5.81 -24.69
CA GLU A 143 10.18 -4.68 -24.73
C GLU A 143 9.43 -3.41 -24.36
N VAL A 144 8.24 -3.28 -24.94
CA VAL A 144 7.36 -2.16 -24.65
C VAL A 144 6.95 -2.18 -23.17
N LEU A 145 6.59 -3.36 -22.67
CA LEU A 145 6.23 -3.47 -21.26
C LEU A 145 7.39 -3.05 -20.35
N LYS A 146 8.60 -3.44 -20.71
CA LYS A 146 9.77 -3.10 -19.91
C LYS A 146 10.04 -1.59 -19.95
N LEU A 147 9.90 -0.98 -21.13
CA LEU A 147 10.03 0.47 -21.26
C LEU A 147 9.02 1.18 -20.37
N MET A 148 7.77 0.73 -20.43
CA MET A 148 6.70 1.27 -19.61
C MET A 148 7.08 1.16 -18.14
N ASP A 149 7.64 0.03 -17.75
CA ASP A 149 8.07 -0.16 -16.37
C ASP A 149 9.11 0.89 -15.96
N ALA A 150 10.10 1.12 -16.82
CA ALA A 150 11.15 2.10 -16.53
C ALA A 150 10.55 3.50 -16.31
N VAL A 151 9.76 3.92 -17.29
CA VAL A 151 9.10 5.23 -17.23
C VAL A 151 8.26 5.37 -15.96
N MET A 152 7.45 4.37 -15.68
CA MET A 152 6.57 4.37 -14.51
C MET A 152 7.38 4.45 -13.22
N LEU A 153 8.54 3.82 -13.21
CA LEU A 153 9.40 3.86 -12.04
C LEU A 153 9.84 5.30 -11.79
N GLN A 154 10.25 5.95 -12.87
CA GLN A 154 10.65 7.36 -12.73
C GLN A 154 9.50 8.23 -12.24
N LEU A 155 8.32 8.04 -12.82
CA LEU A 155 7.14 8.82 -12.44
C LEU A 155 6.75 8.63 -10.98
N THR A 156 6.64 7.37 -10.54
CA THR A 156 6.28 7.10 -9.15
C THR A 156 7.32 7.65 -8.17
N ARG A 157 8.58 7.65 -8.58
CA ARG A 157 9.62 8.21 -7.71
C ARG A 157 9.53 9.74 -7.60
N ALA A 158 9.37 10.41 -8.74
CA ALA A 158 9.17 11.86 -8.75
C ALA A 158 7.99 12.23 -7.86
N ARG A 159 6.88 11.55 -8.10
CA ARG A 159 5.67 11.77 -7.31
C ARG A 159 5.91 11.53 -5.82
N ASN A 160 6.64 10.47 -5.50
CA ASN A 160 6.90 10.16 -4.10
C ASN A 160 7.72 11.24 -3.42
N ARG A 161 8.67 11.85 -4.14
CA ARG A 161 9.49 12.87 -3.52
C ARG A 161 8.80 14.23 -3.43
N LEU A 162 7.96 14.55 -4.40
CA LEU A 162 7.21 15.80 -4.39
C LEU A 162 6.04 15.69 -3.41
N THR A 163 5.83 14.48 -2.89
CA THR A 163 4.76 14.23 -1.92
C THR A 163 5.32 14.03 -0.52
N THR A 164 5.89 12.86 -0.28
CA THR A 164 6.48 12.55 1.02
C THR A 164 7.55 13.52 1.49
N PRO A 165 7.29 14.22 2.61
CA PRO A 165 8.22 15.09 3.32
C PRO A 165 9.17 14.26 4.18
N ALA A 166 10.47 14.55 4.15
CA ALA A 166 11.44 13.72 4.86
C ALA A 166 11.27 13.78 6.37
N THR A 167 11.51 12.65 7.02
CA THR A 167 11.27 12.50 8.46
C THR A 167 12.48 12.98 9.24
N LEU A 168 12.37 14.20 9.75
CA LEU A 168 13.46 14.87 10.47
C LEU A 168 13.30 14.95 11.99
N THR A 169 14.37 14.61 12.70
CA THR A 169 14.40 14.78 14.14
C THR A 169 14.65 16.26 14.40
N LEU A 170 14.21 16.75 15.56
CA LEU A 170 14.39 18.17 15.91
C LEU A 170 15.85 18.66 15.86
N PRO A 171 16.82 17.86 16.35
CA PRO A 171 18.21 18.29 16.16
C PRO A 171 18.62 18.38 14.69
N GLU A 172 18.02 17.57 13.82
CA GLU A 172 18.31 17.65 12.39
C GLU A 172 17.73 18.94 11.79
N ILE A 173 16.55 19.32 12.26
CA ILE A 173 15.91 20.56 11.84
C ILE A 173 16.73 21.77 12.28
N ALA A 174 17.18 21.75 13.53
CA ALA A 174 17.99 22.84 14.07
C ALA A 174 19.31 22.97 13.32
N ALA A 175 19.88 21.83 12.94
CA ALA A 175 21.17 21.82 12.26
C ALA A 175 21.05 22.20 10.79
N SER A 176 19.82 22.37 10.32
CA SER A 176 19.58 22.78 8.94
C SER A 176 19.94 24.24 8.72
N GLY A 177 20.38 24.56 7.51
CA GLY A 177 20.76 25.92 7.16
C GLY A 177 19.61 26.92 7.25
N LEU A 178 18.39 26.42 7.18
CA LEU A 178 17.19 27.26 7.19
C LEU A 178 17.08 28.15 8.42
N THR A 179 17.41 27.58 9.59
CA THR A 179 17.38 28.33 10.85
C THR A 179 18.37 29.49 10.87
N ARG A 180 19.55 29.30 10.28
CA ARG A 180 20.60 30.32 10.25
C ARG A 180 20.25 31.58 9.47
N MET A 181 19.24 31.50 8.61
CA MET A 181 19.02 32.49 7.57
C MET A 181 18.11 33.66 7.89
N PHE A 182 17.49 33.67 9.07
CA PHE A 182 16.51 34.70 9.29
C PHE A 182 17.16 35.91 9.93
N ALA A 183 16.70 37.08 9.49
CA ALA A 183 17.17 38.34 10.03
C ALA A 183 15.96 39.09 10.57
N PRO A 184 15.99 39.44 11.86
CA PRO A 184 17.06 39.17 12.83
C PRO A 184 17.22 37.68 13.11
N ALA A 185 18.40 37.28 13.57
CA ALA A 185 18.66 35.89 13.90
C ALA A 185 17.62 35.36 14.89
N LEU A 186 17.08 34.19 14.60
CA LEU A 186 15.98 33.65 15.39
C LEU A 186 16.42 33.43 16.82
N PRO A 187 15.49 33.53 17.77
CA PRO A 187 15.82 33.16 19.14
C PRO A 187 15.99 31.64 19.16
N SER A 188 16.55 31.07 20.23
CA SER A 188 16.66 29.62 20.27
C SER A 188 15.62 28.98 21.16
N ASP A 189 14.43 29.57 21.15
CA ASP A 189 13.23 28.91 21.65
C ASP A 189 12.27 28.78 20.48
N LEU A 190 12.81 28.98 19.27
CA LEU A 190 12.03 28.86 18.05
C LEU A 190 12.80 28.05 17.00
N LEU A 191 12.09 27.17 16.31
CA LEU A 191 12.64 26.44 15.18
C LEU A 191 11.75 26.61 13.96
N VAL A 192 12.35 26.73 12.78
CA VAL A 192 11.58 26.90 11.57
C VAL A 192 11.92 25.80 10.55
N ASN A 193 10.88 25.15 10.05
CA ASN A 193 11.03 24.10 9.06
C ASN A 193 10.09 24.32 7.88
N VAL A 194 10.63 24.23 6.66
CA VAL A 194 9.80 24.39 5.46
C VAL A 194 9.95 23.19 4.53
N TYR A 195 8.83 22.58 4.15
CA TYR A 195 8.88 21.41 3.29
C TYR A 195 7.66 21.32 2.38
N ILE A 196 7.65 20.35 1.48
CA ILE A 196 6.49 20.12 0.64
C ILE A 196 5.75 18.89 1.14
N ASN A 197 4.44 19.01 1.30
CA ASN A 197 3.61 17.91 1.74
C ASN A 197 2.95 17.04 0.67
N LEU A 198 1.86 17.53 0.11
CA LEU A 198 1.16 16.82 -0.95
C LEU A 198 1.28 17.78 -2.12
N ASN A 199 0.38 18.76 -2.17
CA ASN A 199 0.40 19.78 -3.20
C ASN A 199 0.58 21.10 -2.47
N LYS A 200 1.12 21.02 -1.26
CA LYS A 200 1.18 22.17 -0.37
C LYS A 200 2.57 22.49 0.16
N LEU A 201 2.99 23.73 -0.07
CA LEU A 201 4.15 24.28 0.62
C LEU A 201 3.78 24.48 2.08
N CYS A 202 4.60 23.95 2.97
CA CYS A 202 4.29 23.91 4.39
C CYS A 202 5.38 24.60 5.20
N LEU A 203 4.94 25.49 6.06
CA LEU A 203 5.79 26.21 7.00
C LEU A 203 5.41 25.83 8.42
N THR A 204 6.39 25.37 9.18
CA THR A 204 6.16 24.95 10.54
C THR A 204 7.10 25.68 11.49
N VAL A 205 6.54 26.28 12.54
CA VAL A 205 7.32 26.92 13.57
C VAL A 205 7.10 26.21 14.90
N TYR A 206 8.19 25.75 15.49
CA TYR A 206 8.17 25.11 16.79
C TYR A 206 8.55 26.10 17.86
N GLN A 207 7.65 26.30 18.82
CA GLN A 207 7.92 27.11 19.99
C GLN A 207 8.44 26.22 21.11
N LEU A 208 9.65 26.53 21.58
CA LEU A 208 10.37 25.67 22.51
C LEU A 208 10.36 26.14 23.97
N HIS A 209 11.02 25.34 24.79
CA HIS A 209 11.17 25.57 26.22
C HIS A 209 12.39 24.84 26.74
N ALA A 210 13.42 25.59 27.07
CA ALA A 210 14.64 25.04 27.65
C ALA A 210 14.34 24.36 28.97
N LEU A 211 14.99 23.23 29.21
CA LEU A 211 14.77 22.53 30.47
C LEU A 211 15.92 22.90 31.40
N GLN A 212 15.59 23.39 32.58
CA GLN A 212 16.59 23.73 33.58
C GLN A 212 17.27 22.48 34.13
N ASN A 214 16.41 20.37 37.22
CA ASN A 214 15.37 20.33 38.26
C ASN A 214 14.21 19.44 37.84
N SER A 215 14.43 18.76 36.72
CA SER A 215 13.45 17.91 36.04
C SER A 215 12.59 16.93 36.82
N THR A 216 11.30 16.96 36.49
CA THR A 216 10.31 16.04 37.03
C THR A 216 10.48 14.64 36.43
N LYS A 217 10.32 14.57 35.11
CA LYS A 217 10.28 13.30 34.38
C LYS A 217 11.58 13.08 33.61
N ASN A 218 11.65 11.98 32.85
CA ASN A 218 12.89 11.60 32.19
C ASN A 218 13.07 12.30 30.84
N PHE A 219 14.32 12.58 30.49
CA PHE A 219 14.65 13.14 29.19
C PHE A 219 14.87 12.03 28.18
N ARG A 220 13.91 11.84 27.29
CA ARG A 220 14.11 10.92 26.19
C ARG A 220 14.08 11.66 24.86
N PRO A 221 15.23 11.68 24.16
CA PRO A 221 15.31 12.39 22.88
C PRO A 221 14.30 11.85 21.88
N ALA A 222 13.34 12.68 21.51
CA ALA A 222 12.31 12.29 20.56
C ALA A 222 12.95 11.90 19.23
N GLY A 223 12.30 10.98 18.52
CA GLY A 223 12.86 10.46 17.29
C GLY A 223 12.56 11.35 16.11
N GLY A 224 12.23 10.72 14.98
CA GLY A 224 11.90 11.46 13.77
C GLY A 224 10.41 11.68 13.61
N ALA A 225 10.07 12.74 12.89
CA ALA A 225 8.68 13.05 12.55
C ALA A 225 8.65 14.09 11.44
N VAL A 226 7.50 14.25 10.82
CA VAL A 226 7.34 15.22 9.75
C VAL A 226 6.82 16.48 10.42
N LEU A 227 6.05 16.25 11.48
CA LEU A 227 5.40 17.30 12.24
C LEU A 227 5.37 16.85 13.69
N HIS A 228 6.37 17.28 14.45
CA HIS A 228 6.51 16.87 15.85
C HIS A 228 5.35 17.37 16.71
N SER A 229 5.20 16.78 17.89
CA SER A 229 4.10 17.13 18.78
C SER A 229 4.60 17.86 20.03
N PRO A 230 3.70 18.63 20.68
CA PRO A 230 4.02 19.28 21.96
C PRO A 230 4.49 18.30 23.03
N GLY A 231 5.67 18.54 23.57
CA GLY A 231 6.23 17.66 24.59
C GLY A 231 7.35 16.79 24.07
N ALA A 232 7.87 17.12 22.90
CA ALA A 232 9.00 16.37 22.35
C ALA A 232 10.28 17.01 22.83
N MET A 233 11.26 16.19 23.19
CA MET A 233 12.48 16.71 23.79
C MET A 233 13.72 16.27 23.03
N PHE A 234 14.76 17.10 23.11
CA PHE A 234 16.01 16.89 22.38
C PHE A 234 17.05 17.87 22.90
N GLU A 235 18.33 17.62 22.63
CA GLU A 235 19.35 18.59 23.00
C GLU A 235 20.04 19.19 21.80
N TRP A 236 20.50 20.44 21.97
CA TRP A 236 21.10 21.19 20.88
C TRP A 236 22.21 22.12 21.39
N SER A 238 24.35 23.07 23.61
CA SER A 238 24.72 22.56 24.93
C SER A 238 23.54 22.63 25.88
N GLN A 239 22.37 22.90 25.34
CA GLN A 239 21.17 23.04 26.16
C GLN A 239 20.19 21.93 25.81
N ARG A 240 19.37 21.54 26.78
CA ARG A 240 18.31 20.57 26.53
C ARG A 240 16.94 21.23 26.48
N LEU A 241 16.21 20.91 25.41
CA LEU A 241 15.00 21.60 25.03
C LEU A 241 13.76 20.71 24.87
N GLU A 242 12.61 21.32 25.08
CA GLU A 242 11.30 20.68 24.89
C GLU A 242 10.37 21.55 24.03
N VAL A 243 9.70 20.92 23.08
CA VAL A 243 8.72 21.63 22.25
C VAL A 243 7.49 21.98 23.07
N SER A 244 7.21 23.27 23.17
CA SER A 244 6.07 23.76 23.93
C SER A 244 4.82 23.89 23.06
N HIS A 245 4.98 24.44 21.87
CA HIS A 245 3.87 24.51 20.92
C HIS A 245 4.32 24.28 19.49
N VAL A 246 3.36 23.92 18.64
CA VAL A 246 3.63 23.67 17.23
C VAL A 246 2.64 24.44 16.37
N HIS A 247 3.15 25.25 15.45
CA HIS A 247 2.27 25.98 14.54
C HIS A 247 2.56 25.60 13.09
N LYS A 248 1.53 25.18 12.38
CA LYS A 248 1.67 24.72 10.99
C LYS A 248 0.77 25.51 10.05
N VAL A 249 1.36 26.17 9.06
CA VAL A 249 0.58 26.84 8.02
C VAL A 249 0.99 26.28 6.66
N GLU A 250 0.07 26.34 5.71
CA GLU A 250 0.32 25.73 4.40
C GLU A 250 -0.42 26.44 3.26
N CYS A 251 0.05 26.20 2.05
CA CYS A 251 -0.55 26.82 0.87
C CYS A 251 -0.40 25.91 -0.34
N VAL A 252 -1.46 25.79 -1.14
CA VAL A 252 -1.40 25.01 -2.36
C VAL A 252 -0.44 25.66 -3.35
N ILE A 253 0.46 24.87 -3.93
CA ILE A 253 1.31 25.37 -4.99
C ILE A 253 0.79 24.88 -6.34
N PRO A 254 0.10 25.77 -7.08
CA PRO A 254 -0.60 25.44 -8.32
C PRO A 254 0.25 24.67 -9.35
N TRP A 255 1.50 25.08 -9.57
CA TRP A 255 2.31 24.41 -10.58
C TRP A 255 2.82 23.05 -10.07
N LEU A 256 3.03 22.93 -8.77
CA LEU A 256 3.35 21.64 -8.16
C LEU A 256 2.17 20.70 -8.34
N ASN A 257 0.98 21.24 -8.08
CA ASN A 257 -0.26 20.51 -8.25
C ASN A 257 -0.40 20.01 -9.68
N ASP A 258 -0.10 20.90 -10.63
CA ASP A 258 -0.11 20.56 -12.04
C ASP A 258 0.84 19.41 -12.31
N ALA A 259 2.03 19.49 -11.72
CA ALA A 259 3.04 18.45 -11.88
C ALA A 259 2.54 17.10 -11.39
N LEU A 260 1.94 17.06 -10.20
CA LEU A 260 1.41 15.83 -9.64
C LEU A 260 0.34 15.24 -10.53
N VAL A 261 -0.55 16.11 -11.03
CA VAL A 261 -1.60 15.69 -11.94
C VAL A 261 -1.01 15.03 -13.20
N TYR A 262 0.02 15.68 -13.76
CA TYR A 262 0.73 15.14 -14.91
C TYR A 262 1.37 13.78 -14.63
N PHE A 263 1.97 13.63 -13.46
CA PHE A 263 2.58 12.36 -13.06
C PHE A 263 1.54 11.24 -13.00
N THR A 264 0.44 11.51 -12.30
CA THR A 264 -0.64 10.54 -12.16
C THR A 264 -1.24 10.14 -13.50
N VAL A 265 -1.59 11.14 -14.31
CA VAL A 265 -2.16 10.89 -15.62
C VAL A 265 -1.21 10.08 -16.51
N SER A 266 0.08 10.40 -16.46
CA SER A 266 1.09 9.66 -17.22
C SER A 266 1.16 8.20 -16.76
N LEU A 267 1.17 8.01 -15.45
CA LEU A 267 1.16 6.68 -14.86
C LEU A 267 -0.04 5.86 -15.37
N GLN A 268 -1.19 6.53 -15.44
CA GLN A 268 -2.41 5.89 -15.92
C GLN A 268 -2.30 5.49 -17.38
N LEU A 269 -1.74 6.38 -18.20
CA LEU A 269 -1.52 6.09 -19.62
C LEU A 269 -0.62 4.87 -19.80
N CYS A 270 0.46 4.85 -19.03
CA CYS A 270 1.39 3.73 -19.04
C CYS A 270 0.70 2.42 -18.66
N GLN A 271 -0.04 2.41 -17.56
CA GLN A 271 -0.74 1.18 -17.16
C GLN A 271 -1.75 0.72 -18.21
N GLN A 272 -2.49 1.65 -18.81
CA GLN A 272 -3.46 1.28 -19.84
C GLN A 272 -2.75 0.62 -21.01
N LEU A 273 -1.64 1.22 -21.44
CA LEU A 273 -0.87 0.64 -22.54
C LEU A 273 -0.34 -0.75 -22.19
N LYS A 274 0.19 -0.89 -20.98
CA LYS A 274 0.66 -2.18 -20.50
C LYS A 274 -0.45 -3.21 -20.54
N ASP A 275 -1.65 -2.83 -20.11
CA ASP A 275 -2.77 -3.75 -20.07
C ASP A 275 -3.17 -4.19 -21.47
N LYS A 276 -3.22 -3.24 -22.40
CA LYS A 276 -3.54 -3.60 -23.79
C LYS A 276 -2.48 -4.52 -24.40
N ILE A 277 -1.21 -4.20 -24.16
CA ILE A 277 -0.11 -5.00 -24.67
C ILE A 277 -0.13 -6.42 -24.10
N SER A 278 -0.37 -6.54 -22.80
CA SER A 278 -0.45 -7.84 -22.16
C SER A 278 -1.66 -8.65 -22.67
N VAL A 279 -2.80 -8.00 -22.79
CA VAL A 279 -4.00 -8.67 -23.28
C VAL A 279 -3.78 -9.20 -24.69
N PHE A 280 -3.25 -8.36 -25.58
CA PHE A 280 -2.99 -8.78 -26.95
C PHE A 280 -1.94 -9.89 -27.03
N SER A 281 -0.80 -9.64 -26.37
CA SER A 281 0.37 -10.53 -26.41
C SER A 281 0.12 -11.87 -25.76
N SER A 282 -0.86 -11.93 -24.86
CA SER A 282 -1.14 -13.20 -24.18
C SER A 282 -1.69 -14.20 -25.18
N TYR A 283 -2.29 -13.70 -26.27
CA TYR A 283 -2.82 -14.60 -27.28
C TYR A 283 -2.04 -14.50 -28.60
N TRP A 284 -1.80 -13.27 -29.08
CA TRP A 284 -1.11 -13.07 -30.35
C TRP A 284 0.31 -12.53 -30.18
N SER A 285 1.08 -12.54 -31.28
CA SER A 285 2.41 -11.97 -31.29
C SER A 285 2.34 -10.47 -31.61
N TYR A 286 3.17 -9.69 -30.93
CA TYR A 286 3.23 -8.25 -31.20
C TYR A 286 3.75 -8.01 -32.62
N ARG A 287 4.54 -8.96 -33.12
CA ARG A 287 5.04 -8.88 -34.50
C ARG A 287 5.21 -10.25 -35.14
N MET B 3 -41.48 -23.30 55.60
CA MET B 3 -42.31 -22.46 54.77
C MET B 3 -41.90 -20.99 54.88
N ALA B 4 -40.63 -20.75 55.17
CA ALA B 4 -40.12 -19.40 55.31
C ALA B 4 -38.79 -19.23 54.59
N THR B 5 -38.09 -20.34 54.38
CA THR B 5 -36.81 -20.33 53.71
C THR B 5 -37.05 -20.12 52.22
N VAL B 6 -38.03 -20.86 51.70
CA VAL B 6 -38.45 -20.74 50.31
C VAL B 6 -38.90 -19.33 49.97
N MET B 7 -39.84 -18.80 50.75
CA MET B 7 -40.35 -17.46 50.49
C MET B 7 -39.26 -16.40 50.67
N ALA B 8 -38.36 -16.63 51.61
CA ALA B 8 -37.27 -15.70 51.89
C ALA B 8 -36.18 -15.73 50.84
N ALA B 9 -35.90 -16.92 50.30
CA ALA B 9 -34.80 -17.13 49.36
C ALA B 9 -34.85 -16.19 48.16
N THR B 10 -33.84 -15.35 48.05
CA THR B 10 -33.68 -14.46 46.90
C THR B 10 -32.77 -15.05 45.84
N ALA B 11 -33.31 -15.24 44.64
CA ALA B 11 -32.54 -15.80 43.53
C ALA B 11 -31.41 -14.88 43.08
N ALA B 12 -30.40 -15.46 42.45
CA ALA B 12 -29.29 -14.69 41.89
C ALA B 12 -29.75 -13.83 40.73
N GLU B 13 -29.34 -12.56 40.72
CA GLU B 13 -29.74 -11.64 39.67
C GLU B 13 -28.94 -11.94 38.41
N ARG B 14 -29.56 -11.79 37.25
CA ARG B 14 -28.90 -12.08 35.98
C ARG B 14 -27.79 -11.08 35.69
N ALA B 15 -26.68 -11.59 35.16
CA ALA B 15 -25.51 -10.79 34.84
C ALA B 15 -25.79 -9.68 33.83
N VAL B 16 -25.26 -8.49 34.10
CA VAL B 16 -25.32 -7.38 33.15
C VAL B 16 -24.26 -7.59 32.06
N LEU B 17 -24.70 -7.64 30.81
CA LEU B 17 -23.81 -7.86 29.67
C LEU B 17 -22.73 -6.77 29.56
N GLU B 18 -23.15 -5.52 29.74
CA GLU B 18 -22.24 -4.38 29.69
C GLU B 18 -21.11 -4.50 30.71
N GLU B 19 -21.51 -4.90 31.91
CA GLU B 19 -20.62 -5.06 33.03
C GLU B 19 -19.53 -6.10 32.72
N GLU B 20 -19.98 -7.28 32.30
CA GLU B 20 -19.09 -8.37 31.97
C GLU B 20 -18.14 -8.04 30.83
N PHE B 21 -18.66 -7.39 29.78
CA PHE B 21 -17.80 -6.96 28.68
C PHE B 21 -16.76 -5.95 29.13
N ARG B 22 -17.16 -5.07 30.06
CA ARG B 22 -16.22 -4.07 30.56
C ARG B 22 -15.10 -4.69 31.39
N TRP B 23 -15.45 -5.67 32.22
CA TRP B 23 -14.45 -6.35 33.06
C TRP B 23 -13.48 -7.13 32.17
N LEU B 24 -14.05 -7.83 31.21
CA LEU B 24 -13.28 -8.57 30.23
C LEU B 24 -12.31 -7.65 29.50
N LEU B 25 -12.83 -6.52 29.02
CA LEU B 25 -12.02 -5.57 28.26
C LEU B 25 -10.88 -4.96 29.08
N HIS B 26 -11.13 -4.66 30.35
CA HIS B 26 -10.08 -4.16 31.22
C HIS B 26 -8.96 -5.20 31.33
N ASP B 27 -9.36 -6.42 31.67
CA ASP B 27 -8.39 -7.52 31.81
C ASP B 27 -7.61 -7.75 30.51
N GLU B 28 -8.29 -7.67 29.37
CA GLU B 28 -7.65 -7.84 28.08
C GLU B 28 -6.64 -6.74 27.81
N VAL B 29 -7.01 -5.51 28.12
CA VAL B 29 -6.10 -4.37 27.93
C VAL B 29 -4.79 -4.63 28.68
N HIS B 30 -4.89 -4.95 29.95
CA HIS B 30 -3.66 -5.15 30.73
C HIS B 30 -2.86 -6.42 30.36
N ALA B 31 -3.58 -7.51 30.09
CA ALA B 31 -2.97 -8.73 29.58
C ALA B 31 -2.15 -8.46 28.32
N VAL B 32 -2.78 -7.84 27.33
CA VAL B 32 -2.12 -7.53 26.06
C VAL B 32 -0.93 -6.59 26.26
N LEU B 33 -1.08 -5.58 27.11
CA LEU B 33 0.06 -4.69 27.38
C LEU B 33 1.27 -5.46 27.93
N LYS B 34 1.00 -6.32 28.91
CA LYS B 34 2.05 -7.14 29.51
C LYS B 34 2.71 -8.05 28.47
N GLN B 35 1.87 -8.71 27.66
CA GLN B 35 2.35 -9.60 26.61
C GLN B 35 3.22 -8.89 25.58
N LEU B 36 2.78 -7.69 25.20
CA LEU B 36 3.54 -6.86 24.27
C LEU B 36 4.90 -6.54 24.87
N GLN B 37 4.93 -6.29 26.17
CA GLN B 37 6.19 -5.99 26.84
C GLN B 37 7.13 -7.20 26.81
N ASP B 38 6.58 -8.39 27.07
CA ASP B 38 7.38 -9.62 27.00
C ASP B 38 7.97 -9.84 25.61
N ILE B 39 7.08 -9.90 24.62
CA ILE B 39 7.46 -10.13 23.23
C ILE B 39 8.50 -9.12 22.76
N LEU B 40 8.28 -7.85 23.08
CA LEU B 40 9.19 -6.80 22.64
C LEU B 40 10.53 -6.84 23.35
N LYS B 41 10.55 -7.24 24.62
CA LYS B 41 11.84 -7.36 25.28
C LYS B 41 12.65 -8.51 24.71
N GLU B 42 11.96 -9.59 24.34
CA GLU B 42 12.65 -10.74 23.76
C GLU B 42 13.17 -10.39 22.37
N ALA B 43 12.33 -9.67 21.62
CA ALA B 43 12.70 -9.15 20.31
C ALA B 43 13.93 -8.25 20.43
N SER B 44 13.99 -7.50 21.52
CA SER B 44 15.13 -6.64 21.79
C SER B 44 16.37 -7.49 22.03
N LEU B 45 16.22 -8.55 22.82
CA LEU B 45 17.32 -9.46 23.10
C LEU B 45 17.88 -10.13 21.85
N ARG B 46 17.05 -10.26 20.81
CA ARG B 46 17.57 -10.77 19.53
C ARG B 46 18.66 -9.85 18.95
N PHE B 47 18.65 -8.59 19.36
CA PHE B 47 19.57 -7.58 18.84
C PHE B 47 20.87 -7.51 19.67
N THR B 48 20.98 -8.38 20.69
CA THR B 48 22.10 -8.35 21.63
C THR B 48 23.13 -9.45 21.41
N LEU B 49 24.37 -9.16 21.81
CA LEU B 49 25.47 -10.11 21.73
C LEU B 49 25.74 -10.71 23.10
N ALA B 58 22.16 -20.54 21.96
CA ALA B 58 23.24 -19.84 21.28
C ALA B 58 22.73 -19.13 20.03
N LYS B 59 23.41 -18.06 19.64
CA LYS B 59 23.00 -17.24 18.52
C LYS B 59 24.05 -17.23 17.43
N GLN B 60 23.62 -17.49 16.19
CA GLN B 60 24.53 -17.62 15.06
C GLN B 60 25.24 -16.30 14.75
N GLU B 61 26.52 -16.38 14.40
CA GLU B 61 27.31 -15.19 14.12
C GLU B 61 27.92 -15.24 12.72
N ASN B 62 28.22 -16.46 12.27
CA ASN B 62 28.80 -16.66 10.95
C ASN B 62 27.78 -17.11 9.93
N PHE B 63 27.78 -16.46 8.77
CA PHE B 63 26.77 -16.72 7.76
C PHE B 63 27.40 -16.95 6.40
N ILE B 64 26.88 -17.95 5.69
CA ILE B 64 27.42 -18.32 4.39
C ILE B 64 26.50 -17.81 3.28
N LEU B 65 27.07 -17.00 2.41
CA LEU B 65 26.33 -16.38 1.31
C LEU B 65 26.89 -16.90 -0.02
N GLY B 66 26.04 -17.56 -0.79
CA GLY B 66 26.44 -18.06 -2.11
C GLY B 66 26.88 -19.50 -2.14
N SER B 67 26.84 -20.10 -3.33
CA SER B 67 27.35 -21.46 -3.51
C SER B 67 28.58 -21.45 -4.41
N CYS B 68 29.28 -22.58 -4.46
CA CYS B 68 30.48 -22.71 -5.28
C CYS B 68 30.14 -22.85 -6.76
N GLY B 69 29.16 -23.69 -7.07
CA GLY B 69 28.80 -23.96 -8.46
C GLY B 69 27.83 -22.97 -9.07
N THR B 70 26.83 -22.57 -8.30
CA THR B 70 25.75 -21.75 -8.82
C THR B 70 26.10 -20.26 -8.94
N ASP B 71 26.96 -19.77 -8.04
CA ASP B 71 27.34 -18.37 -8.05
C ASP B 71 28.81 -18.16 -8.38
N GLN B 72 29.19 -16.90 -8.57
CA GLN B 72 30.59 -16.55 -8.83
C GLN B 72 31.08 -15.64 -7.72
N VAL B 73 30.28 -15.56 -6.66
CA VAL B 73 30.68 -14.90 -5.43
C VAL B 73 30.31 -15.76 -4.24
N LYS B 74 31.23 -15.92 -3.30
CA LYS B 74 30.89 -16.62 -2.07
C LYS B 74 31.48 -15.84 -0.92
N GLY B 75 30.83 -15.93 0.23
CA GLY B 75 31.22 -15.09 1.35
C GLY B 75 30.86 -15.70 2.68
N VAL B 76 31.71 -15.49 3.67
CA VAL B 76 31.38 -15.85 5.03
C VAL B 76 31.44 -14.58 5.83
N LEU B 77 30.28 -14.09 6.21
CA LEU B 77 30.17 -12.80 6.88
C LEU B 77 29.81 -13.02 8.33
N THR B 78 30.53 -12.34 9.20
CA THR B 78 30.29 -12.41 10.63
C THR B 78 29.50 -11.20 11.05
N LEU B 79 28.28 -11.43 11.52
CA LEU B 79 27.38 -10.34 11.87
C LEU B 79 27.11 -10.37 13.36
N GLN B 80 27.65 -9.37 14.06
CA GLN B 80 27.51 -9.25 15.50
C GLN B 80 26.65 -8.03 15.87
N GLY B 81 25.38 -8.27 16.16
CA GLY B 81 24.44 -7.21 16.47
C GLY B 81 24.14 -6.40 15.23
N ASP B 82 24.65 -5.17 15.17
CA ASP B 82 24.50 -4.32 14.00
C ASP B 82 25.82 -4.21 13.25
N ALA B 83 26.86 -4.82 13.81
CA ALA B 83 28.20 -4.68 13.29
C ALA B 83 28.64 -5.85 12.41
N LEU B 84 28.96 -5.55 11.17
CA LEU B 84 29.59 -6.53 10.28
C LEU B 84 31.08 -6.59 10.61
N SER B 85 31.45 -7.46 11.53
CA SER B 85 32.82 -7.53 12.04
C SER B 85 33.80 -8.12 11.03
N GLN B 86 33.32 -9.05 10.21
CA GLN B 86 34.15 -9.63 9.16
C GLN B 86 33.32 -9.97 7.93
N ALA B 87 33.95 -9.89 6.76
CA ALA B 87 33.31 -10.26 5.51
C ALA B 87 34.38 -10.92 4.68
N ASP B 88 34.38 -12.24 4.65
CA ASP B 88 35.49 -12.91 4.00
C ASP B 88 34.97 -13.45 2.67
N VAL B 89 35.49 -12.88 1.58
CA VAL B 89 34.89 -13.05 0.27
C VAL B 89 35.82 -13.63 -0.80
N ASN B 90 35.29 -14.61 -1.54
CA ASN B 90 35.93 -15.15 -2.74
C ASN B 90 35.12 -14.78 -3.98
N LEU B 91 35.81 -14.25 -4.98
CA LEU B 91 35.18 -13.85 -6.23
C LEU B 91 35.80 -14.66 -7.34
N LYS B 92 34.99 -15.40 -8.07
CA LYS B 92 35.54 -16.16 -9.19
C LYS B 92 35.43 -15.33 -10.46
N MET B 93 36.35 -14.39 -10.59
CA MET B 93 36.37 -13.44 -11.69
C MET B 93 37.78 -13.27 -12.27
N PRO B 94 37.90 -12.62 -13.45
CA PRO B 94 36.85 -12.43 -14.46
C PRO B 94 36.59 -13.67 -15.30
N ARG B 95 37.66 -14.43 -15.55
CA ARG B 95 37.56 -15.74 -16.21
C ARG B 95 37.05 -16.79 -15.20
N ASN B 96 36.45 -17.87 -15.68
CA ASN B 96 35.80 -18.83 -14.76
C ASN B 96 36.77 -19.93 -14.29
N ASN B 97 38.07 -19.61 -14.32
CA ASN B 97 39.06 -20.48 -13.69
C ASN B 97 39.96 -19.71 -12.71
N GLN B 98 39.78 -18.39 -12.66
CA GLN B 98 40.55 -17.54 -11.77
C GLN B 98 39.73 -17.21 -10.52
N LEU B 99 40.39 -16.66 -9.51
CA LEU B 99 39.74 -16.34 -8.25
C LEU B 99 40.53 -15.29 -7.47
N LEU B 100 39.82 -14.27 -6.99
CA LEU B 100 40.41 -13.26 -6.11
C LEU B 100 39.78 -13.29 -4.72
N HIS B 101 40.53 -12.82 -3.74
CA HIS B 101 40.15 -12.99 -2.35
C HIS B 101 40.29 -11.71 -1.53
N PHE B 102 39.26 -11.40 -0.75
CA PHE B 102 39.26 -10.20 0.08
C PHE B 102 38.71 -10.48 1.47
N ALA B 103 39.22 -9.77 2.46
CA ALA B 103 38.78 -9.95 3.84
C ALA B 103 38.89 -8.65 4.62
N PHE B 104 38.22 -8.60 5.77
CA PHE B 104 38.24 -7.41 6.62
C PHE B 104 39.67 -7.09 7.03
N ARG B 105 39.89 -5.84 7.44
CA ARG B 105 41.23 -5.39 7.82
C ARG B 105 41.34 -5.12 9.33
N GLU B 106 42.37 -5.70 9.94
CA GLU B 106 42.62 -5.51 11.37
C GLU B 106 41.35 -5.60 12.19
N ASP B 107 41.17 -4.62 13.08
CA ASP B 107 40.01 -4.59 13.97
C ASP B 107 38.98 -3.59 13.46
N LYS B 108 38.44 -3.87 12.27
CA LYS B 108 37.46 -3.02 11.66
C LYS B 108 36.08 -3.63 11.63
N GLN B 109 35.11 -2.75 11.73
CA GLN B 109 33.69 -3.10 11.76
C GLN B 109 32.85 -2.20 10.87
N TRP B 110 32.02 -2.81 10.03
CA TRP B 110 31.06 -2.05 9.25
C TRP B 110 29.68 -2.11 9.88
N LYS B 111 29.11 -0.96 10.22
CA LYS B 111 27.80 -0.93 10.87
C LYS B 111 26.67 -0.96 9.85
N LEU B 112 25.73 -1.86 10.08
CA LEU B 112 24.50 -1.92 9.29
C LEU B 112 23.46 -1.03 9.96
N GLN B 113 23.21 0.13 9.35
CA GLN B 113 22.41 1.17 9.98
C GLN B 113 20.96 0.74 10.22
N GLN B 114 20.46 -0.11 9.33
CA GLN B 114 19.10 -0.63 9.43
C GLN B 114 18.85 -1.30 10.77
N ILE B 115 19.83 -2.07 11.23
CA ILE B 115 19.72 -2.82 12.47
C ILE B 115 19.73 -1.90 13.69
N GLN B 116 20.62 -0.91 13.68
CA GLN B 116 20.68 0.08 14.76
C GLN B 116 19.37 0.84 14.87
N ASP B 117 18.88 1.32 13.74
CA ASP B 117 17.62 2.05 13.67
C ASP B 117 16.45 1.22 14.21
N ALA B 118 16.34 -0.01 13.69
CA ALA B 118 15.30 -0.92 14.13
C ALA B 118 15.35 -1.13 15.63
N ARG B 119 16.56 -1.32 16.15
CA ARG B 119 16.74 -1.52 17.58
C ARG B 119 16.29 -0.30 18.38
N ASN B 120 16.55 0.89 17.83
CA ASN B 120 16.12 2.13 18.46
C ASN B 120 14.61 2.20 18.55
N HIS B 121 13.93 1.89 17.46
CA HIS B 121 12.47 1.89 17.47
C HIS B 121 11.92 0.86 18.46
N VAL B 122 12.54 -0.32 18.53
CA VAL B 122 12.12 -1.33 19.50
C VAL B 122 12.23 -0.80 20.92
N SER B 123 13.38 -0.19 21.22
CA SER B 123 13.62 0.42 22.51
C SER B 123 12.56 1.46 22.85
N GLN B 124 12.20 2.27 21.85
CA GLN B 124 11.21 3.30 22.04
C GLN B 124 9.83 2.72 22.37
N ALA B 125 9.43 1.69 21.62
CA ALA B 125 8.17 0.99 21.88
C ALA B 125 8.12 0.43 23.30
N ILE B 126 9.21 -0.25 23.66
CA ILE B 126 9.31 -0.85 24.99
C ILE B 126 9.22 0.24 26.04
N TYR B 127 9.81 1.40 25.76
CA TYR B 127 9.73 2.53 26.67
C TYR B 127 8.28 2.98 26.84
N LEU B 128 7.57 3.09 25.72
CA LEU B 128 6.16 3.47 25.75
C LEU B 128 5.36 2.52 26.63
N LEU B 129 5.74 1.25 26.64
CA LEU B 129 5.03 0.27 27.46
C LEU B 129 5.46 0.32 28.93
N THR B 130 6.74 0.61 29.16
CA THR B 130 7.33 0.58 30.49
C THR B 130 7.30 1.92 31.21
N SER B 131 6.87 2.96 30.52
CA SER B 131 6.87 4.29 31.13
C SER B 131 5.50 4.49 31.74
N ARG B 132 4.91 3.37 32.12
CA ARG B 132 3.61 3.40 32.73
C ARG B 132 3.65 2.60 34.02
N ASP B 133 2.82 3.07 34.93
CA ASP B 133 2.60 2.40 36.19
C ASP B 133 1.59 1.29 35.89
N GLN B 134 1.93 0.04 36.20
CA GLN B 134 1.11 -1.12 35.83
C GLN B 134 -0.23 -1.12 36.58
N SER B 135 -0.30 -0.26 37.59
CA SER B 135 -1.51 -0.07 38.34
C SER B 135 -2.16 1.23 37.89
N TYR B 136 -2.01 1.56 36.59
CA TYR B 136 -2.64 2.76 36.08
C TYR B 136 -3.85 2.38 35.26
N GLN B 137 -5.00 2.67 35.86
CA GLN B 137 -6.29 2.57 35.22
C GLN B 137 -6.45 3.64 34.16
N PHE B 138 -6.97 3.25 33.00
CA PHE B 138 -7.11 4.18 31.90
C PHE B 138 -8.43 4.89 32.07
N LYS B 139 -8.57 6.06 31.47
CA LYS B 139 -9.70 6.94 31.77
C LYS B 139 -10.74 6.69 30.72
N THR B 140 -10.41 7.06 29.50
CA THR B 140 -11.24 6.77 28.34
C THR B 140 -10.62 5.63 27.53
N GLY B 141 -11.36 5.13 26.54
CA GLY B 141 -10.84 4.10 25.67
C GLY B 141 -9.93 4.72 24.63
N ALA B 142 -10.18 6.00 24.35
CA ALA B 142 -9.38 6.76 23.41
C ALA B 142 -7.91 6.86 23.84
N GLU B 143 -7.68 6.76 25.15
CA GLU B 143 -6.32 6.85 25.69
C GLU B 143 -5.56 5.58 25.35
N VAL B 144 -6.23 4.43 25.51
CA VAL B 144 -5.65 3.16 25.14
C VAL B 144 -5.42 3.10 23.63
N LEU B 145 -6.39 3.57 22.85
CA LEU B 145 -6.26 3.59 21.40
C LEU B 145 -5.05 4.42 20.97
N LYS B 146 -4.84 5.55 21.64
CA LYS B 146 -3.72 6.42 21.32
C LYS B 146 -2.39 5.77 21.68
N LEU B 147 -2.34 5.13 22.84
CA LEU B 147 -1.13 4.39 23.23
C LEU B 147 -0.80 3.31 22.19
N MET B 148 -1.82 2.57 21.80
CA MET B 148 -1.68 1.54 20.78
C MET B 148 -1.12 2.14 19.50
N ASP B 149 -1.65 3.31 19.12
CA ASP B 149 -1.16 3.98 17.92
C ASP B 149 0.33 4.30 18.02
N ALA B 150 0.75 4.82 19.16
CA ALA B 150 2.18 5.16 19.36
C ALA B 150 3.07 3.93 19.20
N VAL B 151 2.71 2.89 19.95
CA VAL B 151 3.45 1.64 19.92
C VAL B 151 3.53 1.07 18.50
N MET B 152 2.38 1.03 17.81
CA MET B 152 2.31 0.52 16.45
C MET B 152 3.17 1.33 15.50
N LEU B 153 3.25 2.63 15.75
CA LEU B 153 4.09 3.49 14.91
C LEU B 153 5.54 3.06 15.06
N GLN B 154 5.96 2.84 16.31
CA GLN B 154 7.32 2.39 16.54
C GLN B 154 7.60 1.04 15.88
N LEU B 155 6.67 0.11 16.03
CA LEU B 155 6.80 -1.22 15.44
C LEU B 155 6.91 -1.19 13.92
N THR B 156 5.96 -0.51 13.26
CA THR B 156 5.97 -0.42 11.80
C THR B 156 7.24 0.26 11.31
N ARG B 157 7.76 1.21 12.06
CA ARG B 157 9.01 1.86 11.65
C ARG B 157 10.21 0.93 11.77
N ALA B 158 10.31 0.23 12.90
CA ALA B 158 11.36 -0.78 13.08
C ALA B 158 11.35 -1.79 11.93
N ARG B 159 10.18 -2.37 11.70
CA ARG B 159 10.00 -3.36 10.66
C ARG B 159 10.37 -2.78 9.30
N ASN B 160 9.94 -1.55 9.04
CA ASN B 160 10.22 -0.91 7.76
C ASN B 160 11.70 -0.73 7.52
N ARG B 161 12.45 -0.44 8.57
CA ARG B 161 13.89 -0.25 8.37
C ARG B 161 14.68 -1.55 8.32
N LEU B 162 14.23 -2.60 9.01
CA LEU B 162 14.88 -3.89 8.79
C LEU B 162 14.56 -4.40 7.39
N THR B 163 13.35 -4.13 6.94
CA THR B 163 12.88 -4.66 5.66
C THR B 163 13.41 -3.87 4.45
N THR B 164 13.31 -2.55 4.52
CA THR B 164 13.67 -1.70 3.39
C THR B 164 15.18 -1.39 3.33
N PRO B 165 15.80 -1.77 2.22
CA PRO B 165 17.21 -1.43 1.97
C PRO B 165 17.30 -0.05 1.31
N ALA B 166 18.23 0.79 1.76
CA ALA B 166 18.30 2.16 1.26
C ALA B 166 18.67 2.26 -0.22
N THR B 167 18.08 3.24 -0.88
CA THR B 167 18.22 3.43 -2.33
C THR B 167 19.48 4.25 -2.62
N LEU B 168 20.58 3.56 -2.88
CA LEU B 168 21.89 4.18 -3.09
C LEU B 168 22.37 4.23 -4.54
N THR B 169 22.87 5.40 -4.94
CA THR B 169 23.49 5.54 -6.25
C THR B 169 24.89 4.94 -6.16
N LEU B 170 25.42 4.48 -7.29
CA LEU B 170 26.75 3.89 -7.34
C LEU B 170 27.87 4.78 -6.78
N PRO B 171 27.87 6.10 -7.08
CA PRO B 171 28.87 6.95 -6.42
C PRO B 171 28.72 7.00 -4.90
N GLU B 172 27.50 6.84 -4.39
CA GLU B 172 27.27 6.79 -2.95
C GLU B 172 27.82 5.50 -2.35
N ILE B 173 27.65 4.40 -3.08
CA ILE B 173 28.19 3.10 -2.66
C ILE B 173 29.71 3.12 -2.63
N ALA B 174 30.30 3.71 -3.68
CA ALA B 174 31.76 3.81 -3.75
C ALA B 174 32.30 4.68 -2.62
N ALA B 175 31.55 5.73 -2.28
CA ALA B 175 31.96 6.67 -1.25
C ALA B 175 31.74 6.11 0.16
N SER B 176 31.11 4.93 0.22
CA SER B 176 30.88 4.26 1.49
C SER B 176 32.18 3.70 2.05
N GLY B 177 32.27 3.66 3.39
CA GLY B 177 33.45 3.15 4.06
C GLY B 177 33.73 1.69 3.77
N LEU B 178 32.69 0.97 3.36
CA LEU B 178 32.77 -0.47 3.11
C LEU B 178 33.82 -0.85 2.08
N THR B 179 33.94 -0.07 1.00
CA THR B 179 34.94 -0.36 -0.02
C THR B 179 36.37 -0.28 0.55
N ARG B 180 36.62 0.74 1.38
CA ARG B 180 37.91 0.89 2.07
C ARG B 180 38.20 -0.23 3.06
N MET B 181 37.21 -1.07 3.35
CA MET B 181 37.30 -1.96 4.50
C MET B 181 38.06 -3.25 4.19
N PHE B 182 38.38 -3.45 2.91
CA PHE B 182 38.94 -4.73 2.48
C PHE B 182 40.47 -4.80 2.32
N ALA B 183 41.02 -5.96 2.68
CA ALA B 183 42.43 -6.29 2.49
C ALA B 183 42.54 -7.58 1.69
N PRO B 184 43.25 -7.54 0.56
CA PRO B 184 43.91 -6.37 -0.04
C PRO B 184 42.91 -5.35 -0.54
N ALA B 185 43.33 -4.09 -0.67
CA ALA B 185 42.46 -3.03 -1.17
C ALA B 185 41.87 -3.43 -2.51
N LEU B 186 40.55 -3.22 -2.65
CA LEU B 186 39.84 -3.70 -3.82
C LEU B 186 40.33 -2.96 -5.06
N PRO B 187 40.27 -3.61 -6.22
CA PRO B 187 40.53 -2.87 -7.46
C PRO B 187 39.36 -1.93 -7.65
N SER B 188 39.45 -0.93 -8.52
CA SER B 188 38.29 -0.07 -8.75
C SER B 188 37.57 -0.40 -10.05
N ASP B 189 37.51 -1.69 -10.35
CA ASP B 189 36.56 -2.20 -11.34
C ASP B 189 35.62 -3.12 -10.56
N LEU B 190 35.67 -2.99 -9.24
CA LEU B 190 34.83 -3.74 -8.32
C LEU B 190 34.23 -2.83 -7.26
N LEU B 191 32.95 -3.02 -6.97
CA LEU B 191 32.28 -2.33 -5.87
C LEU B 191 31.59 -3.35 -4.97
N VAL B 192 31.64 -3.12 -3.66
CA VAL B 192 30.97 -4.04 -2.74
C VAL B 192 29.97 -3.31 -1.86
N ASN B 193 28.76 -3.85 -1.80
CA ASN B 193 27.70 -3.28 -0.98
C ASN B 193 27.03 -4.37 -0.14
N VAL B 194 26.87 -4.09 1.15
CA VAL B 194 26.25 -5.04 2.07
C VAL B 194 25.06 -4.41 2.80
N TYR B 195 23.90 -5.02 2.67
CA TYR B 195 22.69 -4.53 3.31
C TYR B 195 21.76 -5.67 3.69
N ILE B 196 20.56 -5.32 4.18
CA ILE B 196 19.59 -6.32 4.59
C ILE B 196 18.23 -6.05 3.93
N ASN B 197 17.58 -7.11 3.49
CA ASN B 197 16.27 -7.01 2.85
C ASN B 197 15.48 -7.51 4.05
N LEU B 198 14.21 -7.78 3.83
CA LEU B 198 13.25 -8.02 4.91
C LEU B 198 13.73 -9.47 4.91
N ASN B 199 14.39 -9.89 5.98
CA ASN B 199 14.86 -11.27 6.08
C ASN B 199 16.17 -11.88 5.61
N LYS B 200 17.06 -11.06 5.06
CA LYS B 200 18.32 -11.58 4.57
C LYS B 200 19.42 -10.53 4.38
N LEU B 201 20.66 -10.97 4.59
CA LEU B 201 21.82 -10.12 4.41
C LEU B 201 22.21 -10.25 2.94
N CYS B 202 22.19 -9.15 2.21
CA CYS B 202 22.52 -9.18 0.79
C CYS B 202 23.90 -8.64 0.45
N LEU B 203 24.79 -9.54 0.04
CA LEU B 203 26.14 -9.16 -0.36
C LEU B 203 26.11 -8.96 -1.86
N THR B 204 26.40 -7.74 -2.31
CA THR B 204 26.35 -7.44 -3.73
C THR B 204 27.72 -6.98 -4.20
N VAL B 205 28.21 -7.61 -5.25
CA VAL B 205 29.46 -7.21 -5.87
C VAL B 205 29.21 -6.76 -7.31
N TYR B 206 29.59 -5.52 -7.60
CA TYR B 206 29.46 -4.98 -8.94
C TYR B 206 30.79 -5.04 -9.67
N GLN B 207 30.82 -5.74 -10.80
CA GLN B 207 31.99 -5.73 -11.66
C GLN B 207 31.82 -4.65 -12.70
N LEU B 208 32.78 -3.73 -12.70
CA LEU B 208 32.68 -2.53 -13.50
C LEU B 208 33.51 -2.58 -14.77
N HIS B 209 33.40 -1.51 -15.54
CA HIS B 209 34.12 -1.34 -16.78
C HIS B 209 34.20 0.13 -17.12
N ALA B 210 35.42 0.67 -16.98
CA ALA B 210 35.74 2.03 -17.32
C ALA B 210 35.48 2.31 -18.80
N LEU B 211 34.96 3.48 -19.12
CA LEU B 211 34.77 3.81 -20.52
C LEU B 211 35.96 4.65 -20.92
N GLN B 212 36.60 4.24 -22.01
CA GLN B 212 37.78 4.91 -22.52
C GLN B 212 37.51 6.31 -23.11
N ASN B 214 36.29 8.30 -26.34
CA ASN B 214 36.08 7.49 -27.54
C ASN B 214 34.67 6.89 -27.54
N SER B 215 33.89 7.37 -26.58
CA SER B 215 32.53 6.94 -26.32
C SER B 215 31.58 6.63 -27.48
N THR B 216 30.76 5.63 -27.18
CA THR B 216 29.68 5.11 -28.01
C THR B 216 28.40 5.95 -27.95
N LYS B 217 27.72 5.89 -26.82
CA LYS B 217 26.46 6.56 -26.56
C LYS B 217 26.78 7.68 -25.58
N ASN B 218 25.74 8.27 -25.00
CA ASN B 218 25.87 9.42 -24.13
C ASN B 218 26.13 8.96 -22.70
N PHE B 219 26.86 9.76 -21.92
CA PHE B 219 27.07 9.44 -20.50
C PHE B 219 25.96 10.03 -19.66
N ARG B 220 25.04 9.19 -19.21
CA ARG B 220 24.02 9.60 -18.27
C ARG B 220 24.16 8.87 -16.93
N PRO B 221 24.50 9.61 -15.88
CA PRO B 221 24.67 9.05 -14.53
C PRO B 221 23.41 8.37 -14.03
N ALA B 222 23.48 7.05 -13.82
CA ALA B 222 22.35 6.29 -13.31
C ALA B 222 21.95 6.82 -11.94
N GLY B 223 20.67 6.70 -11.62
CA GLY B 223 20.15 7.26 -10.39
C GLY B 223 20.34 6.34 -9.20
N GLY B 224 19.34 6.27 -8.34
CA GLY B 224 19.38 5.42 -7.18
C GLY B 224 18.75 4.06 -7.43
N ALA B 225 19.20 3.06 -6.68
CA ALA B 225 18.63 1.73 -6.73
C ALA B 225 19.13 0.90 -5.56
N VAL B 226 18.49 -0.24 -5.32
CA VAL B 226 18.88 -1.11 -4.23
C VAL B 226 19.85 -2.12 -4.82
N LEU B 227 19.60 -2.42 -6.09
CA LEU B 227 20.36 -3.42 -6.84
C LEU B 227 20.43 -2.95 -8.29
N HIS B 228 21.49 -2.23 -8.62
CA HIS B 228 21.64 -1.66 -9.96
C HIS B 228 21.71 -2.75 -11.04
N SER B 229 21.50 -2.35 -12.28
CA SER B 229 21.49 -3.30 -13.39
C SER B 229 22.72 -3.12 -14.29
N PRO B 230 23.08 -4.18 -15.04
CA PRO B 230 24.16 -4.10 -16.02
C PRO B 230 23.94 -2.98 -17.04
N GLY B 231 24.91 -2.08 -17.14
CA GLY B 231 24.82 -0.97 -18.07
C GLY B 231 24.53 0.35 -17.37
N ALA B 232 24.70 0.39 -16.06
CA ALA B 232 24.50 1.63 -15.32
C ALA B 232 25.83 2.36 -15.26
N MET B 233 25.80 3.67 -15.43
CA MET B 233 27.01 4.46 -15.55
C MET B 233 27.07 5.59 -14.53
N PHE B 234 28.28 5.99 -14.16
CA PHE B 234 28.47 6.99 -13.10
C PHE B 234 29.91 7.48 -13.09
N GLU B 235 30.19 8.57 -12.38
CA GLU B 235 31.56 9.03 -12.29
C GLU B 235 32.07 8.84 -10.87
N TRP B 236 33.37 8.59 -10.74
CA TRP B 236 33.98 8.41 -9.43
C TRP B 236 35.42 8.90 -9.50
N GLY B 237 35.82 9.71 -8.52
CA GLY B 237 37.15 10.26 -8.54
C GLY B 237 37.32 11.18 -9.74
N SER B 238 37.98 10.67 -10.77
CA SER B 238 38.13 11.38 -12.04
C SER B 238 37.86 10.47 -13.24
N GLN B 239 37.25 9.34 -12.97
CA GLN B 239 37.09 8.35 -14.01
C GLN B 239 35.58 8.17 -14.27
N ARG B 240 35.18 7.81 -15.49
CA ARG B 240 33.77 7.47 -15.76
C ARG B 240 33.64 5.97 -15.94
N LEU B 241 32.70 5.37 -15.22
CA LEU B 241 32.58 3.92 -15.10
C LEU B 241 31.20 3.40 -15.49
N GLU B 242 31.17 2.15 -15.96
CA GLU B 242 29.94 1.46 -16.29
C GLU B 242 29.88 0.07 -15.63
N VAL B 243 28.75 -0.27 -15.04
CA VAL B 243 28.57 -1.60 -14.47
C VAL B 243 28.52 -2.67 -15.55
N SER B 244 29.45 -3.61 -15.50
CA SER B 244 29.52 -4.68 -16.48
C SER B 244 28.73 -5.92 -16.05
N HIS B 245 28.89 -6.31 -14.79
CA HIS B 245 28.10 -7.41 -14.24
C HIS B 245 27.69 -7.16 -12.80
N VAL B 246 26.65 -7.87 -12.36
CA VAL B 246 26.13 -7.73 -11.00
C VAL B 246 26.00 -9.09 -10.35
N HIS B 247 26.59 -9.24 -9.16
CA HIS B 247 26.48 -10.49 -8.42
C HIS B 247 25.82 -10.28 -7.07
N LYS B 248 24.76 -11.02 -6.80
CA LYS B 248 24.04 -10.87 -5.54
C LYS B 248 23.90 -12.20 -4.83
N VAL B 249 24.43 -12.27 -3.61
CA VAL B 249 24.24 -13.44 -2.78
C VAL B 249 23.58 -13.02 -1.47
N GLU B 250 22.87 -13.95 -0.85
CA GLU B 250 22.10 -13.62 0.34
C GLU B 250 21.95 -14.79 1.30
N CYS B 251 21.62 -14.49 2.55
CA CYS B 251 21.46 -15.52 3.56
C CYS B 251 20.44 -15.08 4.61
N VAL B 252 19.55 -16.00 5.00
CA VAL B 252 18.58 -15.70 6.04
C VAL B 252 19.30 -15.46 7.36
N ILE B 253 18.94 -14.39 8.06
CA ILE B 253 19.46 -14.16 9.40
C ILE B 253 18.38 -14.54 10.41
N PRO B 254 18.53 -15.71 11.04
CA PRO B 254 17.53 -16.30 11.93
C PRO B 254 17.03 -15.35 13.02
N TRP B 255 17.92 -14.61 13.67
CA TRP B 255 17.48 -13.74 14.76
C TRP B 255 16.80 -12.45 14.22
N LEU B 256 17.22 -12.00 13.05
CA LEU B 256 16.53 -10.92 12.37
C LEU B 256 15.12 -11.36 12.02
N ASN B 257 15.03 -12.58 11.52
CA ASN B 257 13.76 -13.19 11.18
C ASN B 257 12.85 -13.26 12.39
N ASP B 258 13.43 -13.67 13.52
CA ASP B 258 12.71 -13.72 14.79
C ASP B 258 12.18 -12.33 15.12
N ALA B 259 13.03 -11.32 14.94
CA ALA B 259 12.65 -9.95 15.22
C ALA B 259 11.45 -9.50 14.38
N LEU B 260 11.50 -9.78 13.07
CA LEU B 260 10.40 -9.41 12.19
C LEU B 260 9.11 -10.10 12.60
N VAL B 261 9.21 -11.38 12.94
CA VAL B 261 8.05 -12.14 13.40
C VAL B 261 7.44 -11.49 14.64
N TYR B 262 8.30 -11.12 15.58
CA TYR B 262 7.87 -10.44 16.79
C TYR B 262 7.18 -9.09 16.51
N PHE B 263 7.74 -8.33 15.56
CA PHE B 263 7.15 -7.05 15.17
C PHE B 263 5.74 -7.24 14.62
N THR B 264 5.61 -8.16 13.68
CA THR B 264 4.32 -8.44 13.05
C THR B 264 3.28 -8.92 14.07
N VAL B 265 3.66 -9.90 14.88
CA VAL B 265 2.77 -10.43 15.91
C VAL B 265 2.33 -9.33 16.89
N SER B 266 3.27 -8.48 17.28
CA SER B 266 2.95 -7.36 18.19
C SER B 266 1.97 -6.39 17.55
N LEU B 267 2.21 -6.06 16.28
CA LEU B 267 1.31 -5.21 15.52
C LEU B 267 -0.10 -5.80 15.50
N GLN B 268 -0.18 -7.11 15.32
CA GLN B 268 -1.46 -7.82 15.29
C GLN B 268 -2.17 -7.73 16.62
N LEU B 269 -1.43 -7.93 17.72
CA LEU B 269 -2.00 -7.82 19.06
C LEU B 269 -2.56 -6.42 19.32
N CYS B 270 -1.78 -5.42 18.95
CA CYS B 270 -2.19 -4.04 19.08
C CYS B 270 -3.47 -3.76 18.30
N GLN B 271 -3.50 -4.17 17.04
CA GLN B 271 -4.68 -3.95 16.21
C GLN B 271 -5.93 -4.65 16.74
N GLN B 272 -5.77 -5.88 17.23
CA GLN B 272 -6.90 -6.62 17.80
C GLN B 272 -7.44 -5.88 19.02
N LEU B 273 -6.53 -5.42 19.87
CA LEU B 273 -6.94 -4.68 21.06
C LEU B 273 -7.67 -3.39 20.69
N LYS B 274 -7.13 -2.68 19.69
CA LYS B 274 -7.79 -1.48 19.18
C LYS B 274 -9.20 -1.80 18.72
N ASP B 275 -9.36 -2.91 18.01
CA ASP B 275 -10.67 -3.28 17.48
C ASP B 275 -11.65 -3.58 18.60
N LYS B 276 -11.23 -4.33 19.60
CA LYS B 276 -12.10 -4.61 20.74
C LYS B 276 -12.51 -3.34 21.48
N ILE B 277 -11.54 -2.47 21.70
CA ILE B 277 -11.78 -1.20 22.39
C ILE B 277 -12.74 -0.33 21.61
N SER B 278 -12.55 -0.24 20.30
CA SER B 278 -13.44 0.53 19.45
C SER B 278 -14.86 -0.05 19.44
N VAL B 279 -14.97 -1.37 19.31
CA VAL B 279 -16.27 -2.02 19.31
C VAL B 279 -17.02 -1.75 20.60
N PHE B 280 -16.35 -1.95 21.73
CA PHE B 280 -16.98 -1.71 23.03
C PHE B 280 -17.34 -0.23 23.22
N SER B 281 -16.37 0.64 22.98
CA SER B 281 -16.50 2.08 23.21
C SER B 281 -17.52 2.75 22.30
N SER B 282 -17.79 2.15 21.15
CA SER B 282 -18.76 2.75 20.24
C SER B 282 -20.14 2.69 20.86
N TYR B 283 -20.36 1.73 21.75
CA TYR B 283 -21.66 1.63 22.40
C TYR B 283 -21.59 2.01 23.89
N TRP B 284 -20.64 1.43 24.62
CA TRP B 284 -20.50 1.69 26.06
C TRP B 284 -19.31 2.57 26.44
N SER B 285 -19.27 2.99 27.71
CA SER B 285 -18.14 3.74 28.24
C SER B 285 -17.08 2.80 28.77
N TYR B 286 -15.81 3.12 28.53
CA TYR B 286 -14.71 2.31 29.02
C TYR B 286 -14.66 2.31 30.55
N ARG B 287 -15.15 3.39 31.15
CA ARG B 287 -15.23 3.49 32.61
C ARG B 287 -16.42 4.34 33.05
N MET C 3 -8.18 7.67 -35.66
CA MET C 3 -6.79 8.06 -35.48
C MET C 3 -6.42 7.95 -34.00
N ALA C 4 -5.29 7.33 -33.71
CA ALA C 4 -4.87 7.05 -32.34
C ALA C 4 -4.26 8.22 -31.57
N THR C 5 -3.60 9.13 -32.27
CA THR C 5 -3.01 10.31 -31.63
C THR C 5 -4.08 11.21 -31.00
N VAL C 6 -5.16 11.41 -31.75
CA VAL C 6 -6.30 12.19 -31.29
C VAL C 6 -6.82 11.61 -29.98
N MET C 7 -7.04 10.30 -30.01
CA MET C 7 -7.53 9.53 -28.87
C MET C 7 -6.59 9.51 -27.65
N ALA C 8 -5.28 9.55 -27.90
CA ALA C 8 -4.33 9.55 -26.78
C ALA C 8 -4.41 10.92 -26.12
N ALA C 9 -4.47 11.96 -26.94
CA ALA C 9 -4.59 13.33 -26.46
C ALA C 9 -5.88 13.40 -25.63
N THR C 10 -6.79 12.74 -26.15
CA THR C 10 -8.08 12.74 -25.57
C THR C 10 -8.05 12.06 -24.21
N ALA C 11 -7.56 10.88 -23.95
CA ALA C 11 -7.47 10.23 -22.66
C ALA C 11 -6.70 11.12 -21.71
N ALA C 12 -5.70 11.81 -22.26
CA ALA C 12 -4.91 12.72 -21.46
C ALA C 12 -5.71 13.89 -20.91
N GLU C 13 -6.54 14.52 -21.73
CA GLU C 13 -7.24 15.72 -21.26
C GLU C 13 -8.35 15.32 -20.28
N ARG C 14 -9.01 14.20 -20.56
CA ARG C 14 -10.08 13.77 -19.65
C ARG C 14 -9.47 13.43 -18.30
N ALA C 15 -8.38 12.67 -18.34
CA ALA C 15 -7.68 12.26 -17.13
C ALA C 15 -7.14 13.44 -16.33
N VAL C 16 -6.74 14.51 -17.03
CA VAL C 16 -6.26 15.69 -16.33
C VAL C 16 -7.40 16.38 -15.61
N LEU C 17 -8.54 16.54 -16.29
CA LEU C 17 -9.67 17.18 -15.64
C LEU C 17 -10.11 16.41 -14.39
N GLU C 18 -10.26 15.10 -14.53
CA GLU C 18 -10.68 14.26 -13.41
C GLU C 18 -9.68 14.36 -12.25
N GLU C 19 -8.39 14.36 -12.57
CA GLU C 19 -7.35 14.50 -11.54
C GLU C 19 -7.47 15.80 -10.74
N GLU C 20 -7.58 16.91 -11.46
CA GLU C 20 -7.69 18.20 -10.80
C GLU C 20 -8.92 18.23 -9.90
N PHE C 21 -10.01 17.66 -10.38
CA PHE C 21 -11.21 17.59 -9.54
C PHE C 21 -11.01 16.73 -8.30
N ARG C 22 -10.22 15.66 -8.41
CA ARG C 22 -9.95 14.89 -7.18
C ARG C 22 -9.13 15.73 -6.21
N TRP C 23 -8.20 16.55 -6.69
CA TRP C 23 -7.50 17.42 -5.72
C TRP C 23 -8.47 18.39 -5.05
N LEU C 24 -9.41 18.94 -5.82
CA LEU C 24 -10.44 19.79 -5.23
C LEU C 24 -11.19 19.07 -4.11
N LEU C 25 -11.65 17.84 -4.41
CA LEU C 25 -12.41 17.07 -3.44
C LEU C 25 -11.55 16.72 -2.22
N HIS C 26 -10.26 16.51 -2.46
CA HIS C 26 -9.29 16.27 -1.39
C HIS C 26 -9.28 17.44 -0.42
N ASP C 27 -9.09 18.65 -0.93
CA ASP C 27 -9.08 19.82 -0.07
C ASP C 27 -10.41 20.01 0.67
N GLU C 28 -11.51 19.75 -0.02
CA GLU C 28 -12.84 19.90 0.61
C GLU C 28 -13.01 18.95 1.80
N VAL C 29 -12.64 17.69 1.60
CA VAL C 29 -12.74 16.67 2.63
C VAL C 29 -12.00 17.08 3.90
N HIS C 30 -10.75 17.47 3.76
CA HIS C 30 -9.94 17.86 4.93
C HIS C 30 -10.41 19.16 5.57
N ALA C 31 -10.86 20.12 4.77
CA ALA C 31 -11.49 21.32 5.33
C ALA C 31 -12.62 20.91 6.28
N VAL C 32 -13.55 20.11 5.76
CA VAL C 32 -14.70 19.66 6.55
C VAL C 32 -14.26 18.90 7.81
N LEU C 33 -13.29 18.01 7.65
CA LEU C 33 -12.78 17.24 8.78
C LEU C 33 -12.20 18.11 9.90
N LYS C 34 -11.38 19.09 9.51
CA LYS C 34 -10.80 20.00 10.49
C LYS C 34 -11.90 20.74 11.23
N GLN C 35 -12.88 21.23 10.46
CA GLN C 35 -14.01 21.95 11.04
C GLN C 35 -14.75 21.06 12.05
N LEU C 36 -14.92 19.80 11.68
CA LEU C 36 -15.54 18.81 12.57
C LEU C 36 -14.74 18.64 13.86
N GLN C 37 -13.41 18.61 13.77
CA GLN C 37 -12.63 18.50 15.01
C GLN C 37 -12.82 19.71 15.90
N ASP C 38 -12.82 20.90 15.29
CA ASP C 38 -13.02 22.12 16.07
C ASP C 38 -14.36 22.09 16.82
N ILE C 39 -15.44 21.93 16.06
CA ILE C 39 -16.78 21.90 16.63
C ILE C 39 -16.92 20.82 17.71
N LEU C 40 -16.42 19.62 17.42
CA LEU C 40 -16.58 18.50 18.34
C LEU C 40 -15.72 18.66 19.60
N LYS C 41 -14.56 19.30 19.47
CA LYS C 41 -13.74 19.57 20.65
C LYS C 41 -14.41 20.62 21.53
N GLU C 42 -15.13 21.56 20.92
CA GLU C 42 -15.87 22.52 21.73
C GLU C 42 -17.01 21.81 22.46
N ALA C 43 -17.70 20.93 21.73
CA ALA C 43 -18.75 20.12 22.31
C ALA C 43 -18.21 19.29 23.47
N SER C 44 -16.98 18.83 23.33
CA SER C 44 -16.30 18.07 24.37
C SER C 44 -16.05 18.95 25.58
N LEU C 45 -15.59 20.18 25.33
CA LEU C 45 -15.29 21.13 26.40
C LEU C 45 -16.54 21.47 27.21
N ARG C 46 -17.72 21.38 26.59
CA ARG C 46 -18.94 21.60 27.37
C ARG C 46 -19.17 20.54 28.46
N PHE C 47 -18.60 19.34 28.29
CA PHE C 47 -18.86 18.24 29.24
C PHE C 47 -17.88 18.16 30.40
N THR C 48 -16.79 18.93 30.34
CA THR C 48 -15.77 18.84 31.37
C THR C 48 -15.55 20.13 32.15
N LEU C 49 -15.29 19.99 33.44
CA LEU C 49 -14.97 21.10 34.33
C LEU C 49 -14.55 20.59 35.70
N LYS C 59 -19.87 28.72 33.34
CA LYS C 59 -20.83 27.63 33.17
C LYS C 59 -21.68 27.42 34.42
N GLN C 60 -22.99 27.41 34.22
CA GLN C 60 -23.97 27.32 35.30
C GLN C 60 -23.98 25.96 36.00
N GLU C 61 -24.11 25.96 37.33
CA GLU C 61 -24.12 24.72 38.09
C GLU C 61 -25.37 24.56 38.96
N ASN C 62 -25.97 25.68 39.36
CA ASN C 62 -27.18 25.64 40.18
C ASN C 62 -28.43 25.86 39.34
N PHE C 63 -29.41 24.99 39.50
CA PHE C 63 -30.61 25.04 38.66
C PHE C 63 -31.90 24.93 39.46
N ILE C 64 -32.88 25.76 39.13
CA ILE C 64 -34.16 25.69 39.81
C ILE C 64 -35.20 25.10 38.85
N LEU C 65 -35.81 24.00 39.29
CA LEU C 65 -36.81 23.28 38.51
C LEU C 65 -38.16 23.39 39.21
N ASP C 71 -45.95 22.89 38.83
CA ASP C 71 -45.89 24.02 39.76
C ASP C 71 -46.33 23.60 41.16
N GLN C 72 -46.41 22.30 41.41
CA GLN C 72 -46.79 21.82 42.73
C GLN C 72 -45.66 21.02 43.38
N VAL C 73 -44.51 20.99 42.70
CA VAL C 73 -43.25 20.49 43.27
C VAL C 73 -42.14 21.41 42.78
N LYS C 74 -41.22 21.83 43.63
CA LYS C 74 -40.09 22.61 43.12
C LYS C 74 -38.77 22.20 43.77
N GLY C 75 -37.66 22.38 43.05
CA GLY C 75 -36.39 21.81 43.46
C GLY C 75 -35.16 22.59 43.02
N VAL C 76 -34.11 22.58 43.84
CA VAL C 76 -32.84 23.23 43.48
C VAL C 76 -31.70 22.23 43.41
N LEU C 77 -31.23 21.96 42.19
CA LEU C 77 -30.21 20.95 41.96
C LEU C 77 -28.86 21.55 41.52
N THR C 78 -27.79 21.13 42.19
CA THR C 78 -26.45 21.52 41.79
C THR C 78 -25.81 20.36 41.03
N LEU C 79 -25.55 20.62 39.76
CA LEU C 79 -25.05 19.65 38.79
C LEU C 79 -23.66 20.03 38.28
N GLN C 80 -22.66 19.24 38.62
CA GLN C 80 -21.28 19.49 38.21
C GLN C 80 -20.79 18.44 37.22
N GLY C 81 -20.80 18.79 35.94
CA GLY C 81 -20.42 17.87 34.89
C GLY C 81 -21.46 16.78 34.68
N ASP C 82 -21.13 15.58 35.11
CA ASP C 82 -22.08 14.47 35.03
C ASP C 82 -22.62 14.13 36.41
N ALA C 83 -22.07 14.81 37.42
CA ALA C 83 -22.40 14.52 38.81
C ALA C 83 -23.44 15.49 39.35
N LEU C 84 -24.57 14.95 39.80
CA LEU C 84 -25.57 15.74 40.52
C LEU C 84 -25.11 15.86 41.97
N SER C 85 -24.37 16.93 42.25
CA SER C 85 -23.72 17.09 43.55
C SER C 85 -24.71 17.38 44.68
N GLN C 86 -25.78 18.10 44.38
CA GLN C 86 -26.79 18.28 45.44
C GLN C 86 -28.20 18.41 44.86
N ALA C 87 -29.20 18.01 45.62
CA ALA C 87 -30.59 18.11 45.18
C ALA C 87 -31.55 18.45 46.32
N ASP C 88 -31.96 19.70 46.42
CA ASP C 88 -32.82 20.08 47.54
C ASP C 88 -34.25 20.26 47.06
N VAL C 89 -35.15 19.41 47.55
CA VAL C 89 -36.47 19.29 46.94
C VAL C 89 -37.61 19.61 47.92
N ASN C 90 -38.53 20.45 47.46
CA ASN C 90 -39.74 20.71 48.21
C ASN C 90 -40.97 20.15 47.51
N LEU C 91 -41.72 19.36 48.30
CA LEU C 91 -42.95 18.68 47.87
C LEU C 91 -44.20 19.03 48.67
N LYS C 92 -45.22 19.46 47.94
CA LYS C 92 -46.55 19.73 48.48
C LYS C 92 -47.44 18.48 48.39
N MET C 93 -47.73 17.89 49.54
CA MET C 93 -48.53 16.66 49.59
C MET C 93 -49.69 16.80 50.56
N LEU C 99 -46.02 20.93 53.38
CA LEU C 99 -44.78 20.88 52.62
C LEU C 99 -43.72 20.07 53.34
N LEU C 100 -43.08 19.16 52.59
CA LEU C 100 -41.95 18.41 53.12
C LEU C 100 -40.70 18.68 52.27
N HIS C 101 -39.52 18.52 52.87
CA HIS C 101 -38.24 19.00 52.33
C HIS C 101 -37.12 17.96 52.37
N PHE C 102 -36.33 17.86 51.29
CA PHE C 102 -35.27 16.85 51.23
C PHE C 102 -33.94 17.41 50.74
N ALA C 103 -32.86 16.68 51.07
CA ALA C 103 -31.52 17.06 50.65
C ALA C 103 -30.59 15.85 50.61
N PHE C 104 -29.39 16.03 50.06
CA PHE C 104 -28.42 14.95 50.07
C PHE C 104 -27.72 14.83 51.42
N ARG C 105 -27.16 13.65 51.65
CA ARG C 105 -26.36 13.39 52.84
C ARG C 105 -24.89 13.65 52.49
N GLU C 106 -24.08 13.96 53.50
CA GLU C 106 -22.66 14.25 53.31
C GLU C 106 -22.41 15.29 52.21
N ASP C 107 -21.60 14.95 51.21
CA ASP C 107 -21.29 15.88 50.13
C ASP C 107 -21.17 15.05 48.88
N LYS C 108 -22.11 14.11 48.77
CA LYS C 108 -22.06 12.99 47.83
C LYS C 108 -22.71 13.46 46.56
N GLN C 109 -22.35 12.81 45.46
CA GLN C 109 -22.81 13.20 44.15
C GLN C 109 -23.47 12.02 43.45
N TRP C 110 -24.64 12.26 42.88
CA TRP C 110 -25.29 11.24 42.06
C TRP C 110 -24.95 11.48 40.60
N LYS C 111 -24.34 10.49 39.97
CA LYS C 111 -23.91 10.65 38.58
C LYS C 111 -25.05 10.32 37.62
N LEU C 112 -25.28 11.23 36.69
CA LEU C 112 -26.26 11.03 35.63
C LEU C 112 -25.58 10.35 34.46
N GLN C 113 -25.85 9.06 34.27
CA GLN C 113 -25.10 8.24 33.33
C GLN C 113 -25.25 8.73 31.89
N GLN C 114 -26.38 9.33 31.55
CA GLN C 114 -26.62 9.84 30.20
C GLN C 114 -25.50 10.78 29.75
N ILE C 115 -25.07 11.66 30.66
CA ILE C 115 -24.04 12.63 30.36
C ILE C 115 -22.69 11.94 30.16
N GLN C 116 -22.41 10.94 31.00
CA GLN C 116 -21.19 10.16 30.90
C GLN C 116 -21.11 9.46 29.53
N ASP C 117 -22.19 8.79 29.18
CA ASP C 117 -22.31 8.08 27.91
C ASP C 117 -22.11 9.03 26.72
N ALA C 118 -22.84 10.13 26.73
CA ALA C 118 -22.73 11.14 25.69
C ALA C 118 -21.29 11.61 25.55
N ARG C 119 -20.65 11.86 26.68
CA ARG C 119 -19.27 12.35 26.69
C ARG C 119 -18.35 11.29 26.07
N ASN C 120 -18.67 10.02 26.34
CA ASN C 120 -17.92 8.92 25.75
C ASN C 120 -18.02 8.90 24.23
N HIS C 121 -19.25 9.04 23.73
CA HIS C 121 -19.44 9.06 22.28
C HIS C 121 -18.71 10.23 21.63
N VAL C 122 -18.76 11.39 22.28
CA VAL C 122 -18.02 12.56 21.79
C VAL C 122 -16.52 12.27 21.73
N SER C 123 -16.01 11.68 22.81
CA SER C 123 -14.61 11.31 22.89
C SER C 123 -14.21 10.39 21.72
N GLN C 124 -15.07 9.42 21.44
CA GLN C 124 -14.83 8.47 20.35
C GLN C 124 -14.83 9.14 18.98
N ALA C 125 -15.80 10.02 18.75
CA ALA C 125 -15.86 10.77 17.49
C ALA C 125 -14.59 11.57 17.28
N ILE C 126 -14.18 12.29 18.32
CA ILE C 126 -12.97 13.09 18.25
C ILE C 126 -11.76 12.21 17.99
N TYR C 127 -11.72 11.02 18.58
CA TYR C 127 -10.62 10.10 18.29
C TYR C 127 -10.63 9.71 16.82
N LEU C 128 -11.81 9.38 16.31
CA LEU C 128 -11.96 9.03 14.90
C LEU C 128 -11.42 10.12 13.99
N LEU C 129 -11.58 11.37 14.41
CA LEU C 129 -11.10 12.48 13.59
C LEU C 129 -9.60 12.79 13.74
N THR C 130 -9.06 12.61 14.94
CA THR C 130 -7.67 13.00 15.19
C THR C 130 -6.66 11.88 14.98
N SER C 131 -7.14 10.66 14.85
CA SER C 131 -6.27 9.50 14.70
C SER C 131 -6.18 9.10 13.24
N ARG C 132 -6.29 10.08 12.35
CA ARG C 132 -6.28 9.78 10.94
C ARG C 132 -5.21 10.62 10.26
N ASP C 133 -4.67 10.10 9.15
CA ASP C 133 -3.63 10.78 8.41
C ASP C 133 -4.18 11.86 7.50
N GLN C 134 -3.78 13.09 7.79
CA GLN C 134 -4.26 14.24 7.04
C GLN C 134 -3.42 14.43 5.79
N SER C 135 -2.56 13.47 5.50
CA SER C 135 -1.87 13.46 4.22
C SER C 135 -2.49 12.38 3.35
N TYR C 136 -3.80 12.44 3.16
CA TYR C 136 -4.59 11.42 2.45
C TYR C 136 -4.39 11.13 0.96
N GLN C 137 -4.00 12.12 0.18
CA GLN C 137 -3.83 11.96 -1.28
C GLN C 137 -5.07 11.22 -1.83
N PHE C 138 -6.17 11.87 -1.90
CA PHE C 138 -7.38 11.31 -2.14
C PHE C 138 -7.57 10.23 -3.01
N LYS C 139 -8.15 9.18 -2.46
CA LYS C 139 -8.36 7.96 -3.22
C LYS C 139 -9.63 7.66 -4.03
N THR C 140 -10.72 7.34 -3.35
CA THR C 140 -11.98 7.06 -4.02
C THR C 140 -13.00 7.84 -3.23
N GLY C 141 -13.18 7.48 -1.96
CA GLY C 141 -14.12 8.16 -1.10
C GLY C 141 -14.83 7.23 -0.13
N ALA C 142 -14.88 5.95 -0.48
CA ALA C 142 -15.54 4.95 0.36
C ALA C 142 -14.92 4.89 1.75
N GLU C 143 -13.64 5.26 1.84
CA GLU C 143 -12.94 5.30 3.11
C GLU C 143 -13.43 6.50 3.90
N VAL C 144 -13.59 7.63 3.20
CA VAL C 144 -14.12 8.86 3.81
C VAL C 144 -15.53 8.58 4.26
N LEU C 145 -16.29 7.91 3.39
CA LEU C 145 -17.68 7.57 3.69
C LEU C 145 -17.77 6.72 4.94
N LYS C 146 -16.85 5.78 5.09
CA LYS C 146 -16.85 4.93 6.27
C LYS C 146 -16.55 5.75 7.52
N LEU C 147 -15.58 6.64 7.41
CA LEU C 147 -15.26 7.56 8.51
C LEU C 147 -16.47 8.40 8.92
N MET C 148 -17.13 8.98 7.92
CA MET C 148 -18.33 9.78 8.14
C MET C 148 -19.40 8.97 8.84
N ASP C 149 -19.62 7.73 8.40
CA ASP C 149 -20.62 6.88 9.03
C ASP C 149 -20.28 6.65 10.50
N ALA C 150 -19.01 6.35 10.78
CA ALA C 150 -18.58 6.09 12.15
C ALA C 150 -18.85 7.29 13.07
N VAL C 151 -18.35 8.46 12.64
CA VAL C 151 -18.54 9.70 13.40
C VAL C 151 -20.02 9.99 13.62
N MET C 152 -20.80 9.92 12.55
CA MET C 152 -22.23 10.22 12.64
C MET C 152 -22.95 9.28 13.59
N LEU C 153 -22.51 8.02 13.61
CA LEU C 153 -23.09 7.05 14.52
C LEU C 153 -22.81 7.46 15.95
N GLN C 154 -21.58 7.87 16.22
CA GLN C 154 -21.23 8.33 17.56
C GLN C 154 -22.05 9.56 17.99
N LEU C 155 -22.18 10.54 17.10
CA LEU C 155 -22.96 11.74 17.40
C LEU C 155 -24.42 11.43 17.67
N THR C 156 -25.05 10.69 16.76
CA THR C 156 -26.45 10.33 16.89
C THR C 156 -26.69 9.51 18.16
N ARG C 157 -25.71 8.71 18.54
CA ARG C 157 -25.85 7.94 19.77
C ARG C 157 -25.77 8.83 20.99
N ALA C 158 -24.82 9.76 21.00
CA ALA C 158 -24.73 10.74 22.08
C ALA C 158 -26.07 11.47 22.26
N ARG C 159 -26.58 12.01 21.17
CA ARG C 159 -27.86 12.71 21.21
C ARG C 159 -29.00 11.81 21.69
N ASN C 160 -29.03 10.56 21.22
CA ASN C 160 -30.07 9.63 21.62
C ASN C 160 -30.04 9.33 23.11
N ARG C 161 -28.83 9.23 23.65
CA ARG C 161 -28.64 8.94 25.06
C ARG C 161 -29.09 10.13 25.89
N LEU C 162 -28.79 11.33 25.40
CA LEU C 162 -29.19 12.53 26.12
C LEU C 162 -30.71 12.54 26.24
N THR C 163 -31.40 11.96 25.27
CA THR C 163 -32.87 11.93 25.26
C THR C 163 -33.40 11.02 26.37
N THR C 164 -34.61 11.29 26.84
CA THR C 164 -35.27 10.53 27.91
C THR C 164 -35.32 9.04 27.60
N PRO C 165 -34.73 8.22 28.48
CA PRO C 165 -34.84 6.79 28.19
C PRO C 165 -36.22 6.24 28.55
N ALA C 166 -36.86 5.62 27.55
CA ALA C 166 -38.21 5.08 27.70
C ALA C 166 -38.22 3.79 28.49
N THR C 167 -37.16 3.00 28.35
CA THR C 167 -37.13 1.64 28.90
C THR C 167 -36.70 1.57 30.35
N LEU C 168 -37.00 2.60 31.12
CA LEU C 168 -36.62 2.57 32.52
C LEU C 168 -37.89 2.23 33.28
N THR C 169 -37.87 1.10 33.97
CA THR C 169 -39.00 0.67 34.78
C THR C 169 -39.00 1.28 36.17
N LEU C 170 -40.19 1.40 36.74
CA LEU C 170 -40.35 1.89 38.10
C LEU C 170 -39.56 1.06 39.12
N PRO C 171 -39.55 -0.28 38.99
CA PRO C 171 -38.66 -1.03 39.89
C PRO C 171 -37.17 -0.72 39.69
N GLU C 172 -36.77 -0.36 38.47
CA GLU C 172 -35.38 0.04 38.23
C GLU C 172 -35.09 1.38 38.89
N ILE C 173 -36.08 2.27 38.86
CA ILE C 173 -35.99 3.56 39.52
C ILE C 173 -35.84 3.36 41.02
N ALA C 174 -36.64 2.44 41.56
CA ALA C 174 -36.59 2.10 42.98
C ALA C 174 -35.25 1.49 43.36
N ALA C 175 -34.72 0.66 42.47
CA ALA C 175 -33.45 -0.02 42.73
C ALA C 175 -32.26 0.90 42.48
N SER C 176 -32.55 2.09 41.98
CA SER C 176 -31.51 3.09 41.74
C SER C 176 -31.02 3.64 43.06
N GLY C 177 -29.74 4.00 43.11
CA GLY C 177 -29.14 4.55 44.32
C GLY C 177 -29.75 5.86 44.76
N LEU C 178 -30.35 6.58 43.83
CA LEU C 178 -30.92 7.90 44.09
C LEU C 178 -31.94 7.88 45.23
N THR C 179 -32.77 6.84 45.26
CA THR C 179 -33.76 6.70 46.33
C THR C 179 -33.07 6.63 47.69
N ARG C 180 -31.96 5.90 47.74
CA ARG C 180 -31.17 5.79 48.96
C ARG C 180 -30.50 7.10 49.37
N MET C 181 -30.45 8.05 48.43
CA MET C 181 -29.54 9.19 48.53
C MET C 181 -30.03 10.41 49.30
N PHE C 182 -31.28 10.41 49.73
CA PHE C 182 -31.85 11.63 50.33
C PHE C 182 -31.82 11.72 51.86
N ALA C 183 -31.61 12.94 52.33
CA ALA C 183 -31.62 13.27 53.75
C ALA C 183 -32.69 14.35 53.99
N PRO C 184 -33.63 14.09 54.91
CA PRO C 184 -33.77 12.90 55.77
C PRO C 184 -34.07 11.63 54.99
N ALA C 185 -33.75 10.46 55.57
CA ALA C 185 -34.05 9.20 54.91
C ALA C 185 -35.55 9.13 54.65
N LEU C 186 -35.91 8.90 53.39
CA LEU C 186 -37.29 8.99 52.93
C LEU C 186 -38.19 7.73 52.91
N PRO C 187 -39.52 7.97 53.01
CA PRO C 187 -40.69 7.09 52.93
C PRO C 187 -40.87 6.16 51.73
N SER C 188 -41.49 5.01 52.00
CA SER C 188 -41.97 4.14 50.94
C SER C 188 -43.33 4.43 50.31
N ASP C 189 -43.71 5.71 50.26
CA ASP C 189 -44.82 6.11 49.40
C ASP C 189 -44.31 7.13 48.39
N LEU C 190 -42.99 7.25 48.32
CA LEU C 190 -42.37 8.17 47.38
C LEU C 190 -41.18 7.58 46.65
N LEU C 191 -41.10 7.85 45.35
CA LEU C 191 -39.91 7.51 44.58
C LEU C 191 -39.43 8.76 43.86
N VAL C 192 -38.12 8.94 43.78
CA VAL C 192 -37.56 10.11 43.12
C VAL C 192 -36.62 9.72 42.00
N ASN C 193 -36.82 10.30 40.83
CA ASN C 193 -35.95 10.04 39.70
C ASN C 193 -35.49 11.33 39.04
N VAL C 194 -34.20 11.40 38.76
CA VAL C 194 -33.61 12.56 38.09
C VAL C 194 -32.92 12.09 36.83
N TYR C 195 -33.29 12.68 35.69
CA TYR C 195 -32.71 12.28 34.41
C TYR C 195 -32.60 13.47 33.45
N ILE C 196 -31.96 13.24 32.31
CA ILE C 196 -31.78 14.27 31.30
C ILE C 196 -32.56 13.94 30.04
N ASN C 197 -33.36 14.90 29.57
CA ASN C 197 -34.16 14.70 28.37
C ASN C 197 -33.71 15.62 27.23
N LEU C 198 -32.74 15.15 26.46
CA LEU C 198 -32.21 15.92 25.33
C LEU C 198 -31.35 17.09 25.79
N ASN C 199 -31.94 17.99 26.56
CA ASN C 199 -31.19 19.18 27.04
C ASN C 199 -31.68 19.88 28.30
N LYS C 200 -32.56 19.24 29.05
CA LYS C 200 -33.10 19.84 30.26
C LYS C 200 -33.14 18.90 31.49
N LEU C 201 -32.53 19.35 32.58
CA LEU C 201 -32.51 18.58 33.82
C LEU C 201 -33.95 18.28 34.22
N CYS C 202 -34.26 17.00 34.44
CA CYS C 202 -35.62 16.62 34.80
C CYS C 202 -35.69 15.94 36.16
N LEU C 203 -36.61 16.44 36.99
CA LEU C 203 -36.91 15.86 38.29
C LEU C 203 -38.34 15.37 38.32
N THR C 204 -38.51 14.09 38.62
CA THR C 204 -39.83 13.48 38.69
C THR C 204 -40.03 12.76 40.02
N VAL C 205 -41.17 13.03 40.66
CA VAL C 205 -41.53 12.37 41.89
C VAL C 205 -42.76 11.51 41.65
N TYR C 206 -42.61 10.22 41.93
CA TYR C 206 -43.69 9.27 41.82
C TYR C 206 -44.33 9.02 43.18
N GLN C 207 -45.62 9.35 43.29
CA GLN C 207 -46.38 9.05 44.51
C GLN C 207 -47.19 7.74 44.34
N LEU C 208 -46.83 6.80 45.21
CA LEU C 208 -47.35 5.42 45.23
C LEU C 208 -48.28 5.21 46.41
N HIS C 209 -48.91 4.03 46.47
CA HIS C 209 -49.45 3.45 47.72
C HIS C 209 -49.86 2.00 47.40
N ALA C 210 -49.31 1.03 48.12
CA ALA C 210 -49.60 -0.39 47.88
C ALA C 210 -51.09 -0.73 47.92
N LEU C 211 -51.50 -1.66 47.05
CA LEU C 211 -52.88 -2.08 46.98
C LEU C 211 -53.16 -3.26 47.90
N GLN C 212 -54.44 -3.59 48.06
CA GLN C 212 -54.83 -4.71 48.92
C GLN C 212 -54.63 -6.04 48.21
N PRO C 213 -54.69 -7.18 49.03
CA PRO C 213 -54.49 -8.44 48.29
C PRO C 213 -55.46 -8.57 47.12
N GLY C 224 -45.72 -4.43 31.77
CA GLY C 224 -45.95 -3.97 33.12
C GLY C 224 -44.84 -3.05 33.63
N ALA C 225 -45.19 -2.17 34.56
CA ALA C 225 -44.24 -1.28 35.23
C ALA C 225 -43.61 -0.25 34.29
N VAL C 226 -44.06 -0.25 33.04
CA VAL C 226 -43.45 0.56 31.99
C VAL C 226 -44.11 1.92 31.71
N LEU C 227 -45.43 2.03 31.92
CA LEU C 227 -46.18 3.23 31.53
C LEU C 227 -45.78 4.57 32.19
N HIS C 228 -45.23 4.54 33.40
CA HIS C 228 -44.86 5.75 34.14
C HIS C 228 -45.99 6.77 34.32
N SER C 229 -47.23 6.34 34.14
CA SER C 229 -48.38 7.22 34.25
C SER C 229 -49.20 6.88 35.49
N PRO C 230 -50.03 7.84 35.97
CA PRO C 230 -50.93 7.52 37.09
C PRO C 230 -51.83 6.33 36.80
N GLY C 231 -51.75 5.32 37.66
CA GLY C 231 -52.54 4.11 37.50
C GLY C 231 -51.69 2.96 37.00
N ALA C 232 -50.37 3.13 37.06
CA ALA C 232 -49.45 2.09 36.66
C ALA C 232 -49.12 1.23 37.87
N MET C 233 -49.00 -0.08 37.65
CA MET C 233 -48.82 -1.02 38.74
C MET C 233 -47.53 -1.79 38.54
N PHE C 234 -46.92 -2.21 39.65
CA PHE C 234 -45.64 -2.91 39.60
C PHE C 234 -45.31 -3.51 40.95
N GLU C 235 -44.32 -4.38 40.99
CA GLU C 235 -43.87 -4.97 42.24
C GLU C 235 -42.52 -4.41 42.67
N TRP C 236 -42.32 -4.33 43.98
CA TRP C 236 -41.09 -3.82 44.55
C TRP C 236 -40.84 -4.51 45.88
N GLY C 237 -39.61 -4.97 46.09
CA GLY C 237 -39.26 -5.70 47.29
C GLY C 237 -40.01 -7.00 47.40
N SER C 238 -41.03 -7.02 48.25
CA SER C 238 -41.93 -8.16 48.34
C SER C 238 -43.38 -7.70 48.34
N GLN C 239 -43.59 -6.42 48.03
CA GLN C 239 -44.91 -5.80 48.05
C GLN C 239 -45.33 -5.31 46.66
N ARG C 240 -46.64 -5.25 46.44
CA ARG C 240 -47.18 -4.76 45.16
C ARG C 240 -47.71 -3.33 45.28
N LEU C 241 -47.25 -2.47 44.40
CA LEU C 241 -47.52 -1.02 44.49
C LEU C 241 -48.12 -0.44 43.21
N GLU C 242 -48.87 0.65 43.36
CA GLU C 242 -49.43 1.36 42.22
C GLU C 242 -49.10 2.85 42.28
N VAL C 243 -48.68 3.41 41.14
CA VAL C 243 -48.45 4.84 41.07
C VAL C 243 -49.79 5.56 41.13
N SER C 244 -49.99 6.40 42.14
CA SER C 244 -51.25 7.13 42.24
C SER C 244 -51.16 8.50 41.54
N HIS C 245 -50.13 9.32 41.78
CA HIS C 245 -49.85 10.38 40.74
C HIS C 245 -48.37 10.72 40.58
N VAL C 246 -48.09 11.45 39.49
CA VAL C 246 -46.74 11.80 39.08
C VAL C 246 -46.49 13.31 38.93
N HIS C 247 -45.41 13.79 39.54
CA HIS C 247 -45.08 15.20 39.45
C HIS C 247 -43.77 15.42 38.70
N LYS C 248 -43.83 16.24 37.66
CA LYS C 248 -42.68 16.45 36.78
C LYS C 248 -42.28 17.90 36.63
N VAL C 249 -41.05 18.23 37.02
CA VAL C 249 -40.51 19.56 36.76
C VAL C 249 -39.19 19.46 35.99
N GLU C 250 -38.86 20.48 35.23
CA GLU C 250 -37.66 20.44 34.40
C GLU C 250 -37.07 21.84 34.19
N CYS C 251 -35.80 21.87 33.80
CA CYS C 251 -35.10 23.14 33.58
C CYS C 251 -34.04 22.97 32.49
N VAL C 252 -33.96 23.94 31.58
CA VAL C 252 -32.97 23.91 30.52
C VAL C 252 -31.54 24.02 31.03
N ILE C 253 -30.67 23.14 30.53
CA ILE C 253 -29.24 23.20 30.80
C ILE C 253 -28.50 23.79 29.61
N PRO C 254 -28.07 25.06 29.71
CA PRO C 254 -27.49 25.83 28.60
C PRO C 254 -26.36 25.11 27.85
N TRP C 255 -25.44 24.48 28.57
CA TRP C 255 -24.29 23.85 27.91
C TRP C 255 -24.69 22.55 27.21
N LEU C 256 -25.71 21.87 27.74
CA LEU C 256 -26.29 20.73 27.04
C LEU C 256 -26.88 21.18 25.71
N ASN C 257 -27.60 22.30 25.74
CA ASN C 257 -28.15 22.88 24.52
C ASN C 257 -27.06 23.22 23.51
N ASP C 258 -25.98 23.83 23.99
CA ASP C 258 -24.85 24.14 23.12
C ASP C 258 -24.29 22.87 22.48
N ALA C 259 -24.13 21.84 23.31
CA ALA C 259 -23.61 20.55 22.84
C ALA C 259 -24.51 19.95 21.76
N LEU C 260 -25.82 19.98 21.99
CA LEU C 260 -26.77 19.44 21.04
C LEU C 260 -26.73 20.18 19.71
N VAL C 261 -26.63 21.51 19.79
CA VAL C 261 -26.52 22.34 18.60
C VAL C 261 -25.29 21.93 17.82
N TYR C 262 -24.19 21.73 18.54
CA TYR C 262 -22.94 21.23 17.95
C TYR C 262 -23.11 19.89 17.24
N PHE C 263 -23.84 18.97 17.88
CA PHE C 263 -24.11 17.65 17.31
C PHE C 263 -24.86 17.77 15.99
N THR C 264 -25.93 18.57 16.01
CA THR C 264 -26.74 18.78 14.83
C THR C 264 -25.90 19.34 13.67
N VAL C 265 -25.16 20.40 13.96
CA VAL C 265 -24.31 21.02 12.95
C VAL C 265 -23.27 20.04 12.38
N SER C 266 -22.65 19.26 13.26
CA SER C 266 -21.66 18.28 12.85
C SER C 266 -22.27 17.21 11.94
N LEU C 267 -23.45 16.71 12.33
CA LEU C 267 -24.17 15.75 11.53
C LEU C 267 -24.45 16.29 10.13
N GLN C 268 -24.89 17.53 10.05
CA GLN C 268 -25.17 18.12 8.76
C GLN C 268 -23.90 18.27 7.92
N LEU C 269 -22.80 18.70 8.55
CA LEU C 269 -21.52 18.81 7.83
C LEU C 269 -21.09 17.47 7.24
N CYS C 270 -21.20 16.43 8.06
CA CYS C 270 -20.88 15.06 7.64
C CYS C 270 -21.75 14.64 6.45
N GLN C 271 -23.05 14.87 6.58
CA GLN C 271 -24.00 14.50 5.52
C GLN C 271 -23.68 15.21 4.21
N GLN C 272 -23.34 16.49 4.32
CA GLN C 272 -23.00 17.29 3.15
C GLN C 272 -21.76 16.72 2.46
N LEU C 273 -20.76 16.36 3.26
CA LEU C 273 -19.56 15.76 2.69
C LEU C 273 -19.85 14.43 2.00
N LYS C 274 -20.65 13.59 2.65
CA LYS C 274 -21.06 12.31 2.06
C LYS C 274 -21.75 12.50 0.71
N ASP C 275 -22.67 13.46 0.67
CA ASP C 275 -23.44 13.74 -0.52
C ASP C 275 -22.58 14.27 -1.67
N LYS C 276 -21.66 15.19 -1.36
CA LYS C 276 -20.75 15.71 -2.36
C LYS C 276 -19.84 14.59 -2.91
N ILE C 277 -19.35 13.73 -2.03
CA ILE C 277 -18.53 12.60 -2.46
C ILE C 277 -19.31 11.68 -3.39
N SER C 278 -20.57 11.42 -3.05
CA SER C 278 -21.42 10.58 -3.89
C SER C 278 -21.64 11.20 -5.28
N VAL C 279 -21.93 12.51 -5.30
CA VAL C 279 -22.12 13.23 -6.56
C VAL C 279 -20.87 13.12 -7.43
N PHE C 280 -19.72 13.34 -6.80
CA PHE C 280 -18.44 13.28 -7.50
C PHE C 280 -18.21 11.89 -8.12
N SER C 281 -18.35 10.87 -7.28
CA SER C 281 -18.07 9.51 -7.67
C SER C 281 -19.03 9.01 -8.75
N SER C 282 -20.28 9.45 -8.70
CA SER C 282 -21.26 9.09 -9.71
C SER C 282 -21.04 9.88 -10.98
N TYR C 283 -20.42 11.05 -10.84
CA TYR C 283 -20.21 11.96 -11.96
C TYR C 283 -19.13 11.43 -12.86
N TRP C 284 -18.06 10.89 -12.29
CA TRP C 284 -16.96 10.49 -13.15
C TRP C 284 -17.02 9.01 -13.49
N SER C 285 -17.88 8.26 -12.82
CA SER C 285 -18.08 6.85 -13.15
C SER C 285 -19.15 6.69 -14.22
N MET D 3 -9.03 -16.81 32.11
CA MET D 3 -7.96 -15.87 32.43
C MET D 3 -7.43 -15.24 31.14
N ALA D 4 -7.32 -13.91 31.12
CA ALA D 4 -6.94 -13.19 29.91
C ALA D 4 -5.44 -13.21 29.58
N THR D 5 -4.59 -13.27 30.60
CA THR D 5 -3.15 -13.34 30.37
C THR D 5 -2.76 -14.61 29.63
N VAL D 6 -3.35 -15.72 30.04
CA VAL D 6 -3.13 -16.99 29.37
C VAL D 6 -3.52 -16.88 27.91
N MET D 7 -4.73 -16.40 27.65
CA MET D 7 -5.24 -16.29 26.29
C MET D 7 -4.39 -15.37 25.42
N ALA D 8 -3.85 -14.29 26.00
CA ALA D 8 -3.06 -13.36 25.22
C ALA D 8 -1.67 -13.90 24.87
N ALA D 9 -0.98 -14.45 25.87
CA ALA D 9 0.36 -14.99 25.64
C ALA D 9 0.29 -16.10 24.61
N THR D 10 -0.73 -16.91 24.84
CA THR D 10 -1.11 -18.01 23.99
C THR D 10 -1.33 -17.60 22.53
N ALA D 11 -2.20 -16.61 22.35
CA ALA D 11 -2.54 -16.11 21.02
C ALA D 11 -1.26 -15.62 20.36
N ALA D 12 -0.35 -15.09 21.18
CA ALA D 12 0.95 -14.67 20.68
C ALA D 12 1.74 -15.88 20.18
N GLU D 13 1.52 -17.04 20.82
CA GLU D 13 2.29 -18.21 20.44
C GLU D 13 1.81 -18.72 19.08
N ARG D 14 0.50 -18.73 18.88
CA ARG D 14 -0.01 -19.18 17.59
C ARG D 14 0.38 -18.18 16.50
N ALA D 15 0.27 -16.90 16.81
CA ALA D 15 0.62 -15.86 15.85
C ALA D 15 2.08 -15.96 15.42
N VAL D 16 2.95 -16.35 16.35
CA VAL D 16 4.36 -16.53 16.04
C VAL D 16 4.56 -17.71 15.12
N LEU D 17 3.93 -18.84 15.44
CA LEU D 17 4.09 -20.01 14.56
C LEU D 17 3.62 -19.72 13.14
N GLU D 18 2.43 -19.14 13.02
CA GLU D 18 1.87 -18.82 11.71
C GLU D 18 2.78 -17.89 10.93
N GLU D 19 3.33 -16.86 11.60
CA GLU D 19 4.26 -15.94 10.93
C GLU D 19 5.49 -16.65 10.39
N GLU D 20 6.12 -17.47 11.23
CA GLU D 20 7.32 -18.19 10.81
C GLU D 20 7.03 -19.07 9.58
N PHE D 21 5.88 -19.73 9.61
CA PHE D 21 5.46 -20.54 8.47
C PHE D 21 5.23 -19.67 7.21
N ARG D 22 4.78 -18.44 7.43
CA ARG D 22 4.59 -17.51 6.31
C ARG D 22 5.93 -17.19 5.67
N TRP D 23 6.97 -17.02 6.49
CA TRP D 23 8.31 -16.82 5.94
C TRP D 23 8.84 -18.05 5.20
N LEU D 24 8.57 -19.24 5.74
CA LEU D 24 8.96 -20.47 5.03
C LEU D 24 8.32 -20.48 3.64
N LEU D 25 7.02 -20.19 3.60
CA LEU D 25 6.29 -20.19 2.34
C LEU D 25 6.81 -19.11 1.39
N HIS D 26 7.22 -17.98 1.96
CA HIS D 26 7.82 -16.90 1.19
C HIS D 26 9.07 -17.38 0.45
N ASP D 27 10.00 -17.96 1.20
CA ASP D 27 11.23 -18.48 0.62
C ASP D 27 10.95 -19.56 -0.42
N GLU D 28 9.97 -20.42 -0.15
CA GLU D 28 9.62 -21.47 -1.10
C GLU D 28 9.12 -20.88 -2.42
N VAL D 29 8.22 -19.90 -2.30
CA VAL D 29 7.66 -19.21 -3.46
C VAL D 29 8.76 -18.60 -4.33
N HIS D 30 9.65 -17.82 -3.71
CA HIS D 30 10.71 -17.19 -4.51
C HIS D 30 11.70 -18.19 -5.09
N ALA D 31 12.04 -19.23 -4.33
CA ALA D 31 12.87 -20.31 -4.87
C ALA D 31 12.27 -20.88 -6.17
N VAL D 32 11.01 -21.29 -6.09
CA VAL D 32 10.31 -21.86 -7.25
C VAL D 32 10.28 -20.87 -8.42
N LEU D 33 10.01 -19.60 -8.12
CA LEU D 33 10.00 -18.57 -9.16
C LEU D 33 11.34 -18.43 -9.88
N LYS D 34 12.42 -18.39 -9.11
CA LYS D 34 13.76 -18.30 -9.69
C LYS D 34 14.03 -19.49 -10.61
N GLN D 35 13.68 -20.67 -10.12
CA GLN D 35 13.86 -21.89 -10.89
C GLN D 35 13.09 -21.80 -12.21
N LEU D 36 11.87 -21.27 -12.13
CA LEU D 36 11.04 -21.06 -13.32
C LEU D 36 11.70 -20.11 -14.30
N GLN D 37 12.34 -19.04 -13.82
CA GLN D 37 13.01 -18.14 -14.74
C GLN D 37 14.18 -18.85 -15.43
N ASP D 38 14.93 -19.63 -14.68
CA ASP D 38 16.05 -20.37 -15.27
C ASP D 38 15.58 -21.31 -16.39
N ILE D 39 14.67 -22.21 -16.03
CA ILE D 39 14.14 -23.18 -16.99
C ILE D 39 13.54 -22.50 -18.23
N LEU D 40 12.74 -21.46 -17.99
CA LEU D 40 12.05 -20.79 -19.09
C LEU D 40 13.00 -19.98 -19.97
N LYS D 41 14.06 -19.43 -19.38
CA LYS D 41 15.06 -18.73 -20.18
C LYS D 41 15.84 -19.71 -21.04
N GLU D 42 16.05 -20.92 -20.54
CA GLU D 42 16.71 -21.93 -21.37
C GLU D 42 15.78 -22.33 -22.52
N ALA D 43 14.51 -22.50 -22.19
CA ALA D 43 13.49 -22.79 -23.18
C ALA D 43 13.45 -21.70 -24.25
N SER D 44 13.63 -20.46 -23.82
CA SER D 44 13.66 -19.31 -24.73
C SER D 44 14.86 -19.39 -25.64
N LEU D 45 16.01 -19.71 -25.04
CA LEU D 45 17.27 -19.80 -25.78
C LEU D 45 17.20 -20.87 -26.85
N ARG D 46 16.36 -21.88 -26.63
CA ARG D 46 16.18 -22.91 -27.64
C ARG D 46 15.53 -22.40 -28.94
N PHE D 47 14.79 -21.28 -28.87
CA PHE D 47 14.08 -20.81 -30.07
C PHE D 47 14.89 -19.88 -30.96
N THR D 48 16.01 -19.37 -30.44
CA THR D 48 16.87 -18.50 -31.24
C THR D 48 18.30 -19.06 -31.27
N LEU D 49 18.98 -18.97 -32.41
CA LEU D 49 20.38 -19.37 -32.45
C LEU D 49 21.28 -18.14 -32.57
N LYS D 59 23.26 -26.68 -32.52
CA LYS D 59 21.85 -26.96 -32.80
C LYS D 59 21.60 -27.24 -34.28
N GLN D 60 20.91 -28.34 -34.51
CA GLN D 60 20.64 -28.91 -35.83
C GLN D 60 19.73 -28.04 -36.71
N GLU D 61 20.05 -27.94 -37.99
CA GLU D 61 19.28 -27.12 -38.93
C GLU D 61 18.79 -27.91 -40.14
N ASN D 62 19.51 -28.96 -40.52
CA ASN D 62 19.12 -29.77 -41.66
C ASN D 62 18.42 -31.05 -41.23
N PHE D 63 17.26 -31.32 -41.84
CA PHE D 63 16.45 -32.46 -41.42
C PHE D 63 15.95 -33.30 -42.59
N ILE D 64 16.04 -34.62 -42.45
CA ILE D 64 15.58 -35.54 -43.48
C ILE D 64 14.28 -36.24 -43.04
N LEU D 65 13.25 -36.07 -43.87
CA LEU D 65 11.92 -36.62 -43.59
C LEU D 65 11.58 -37.71 -44.60
N ASP D 71 8.72 -43.78 -45.15
CA ASP D 71 7.56 -43.59 -46.01
C ASP D 71 7.96 -43.58 -47.49
N GLN D 72 7.09 -43.08 -48.34
CA GLN D 72 7.31 -43.05 -49.78
C GLN D 72 7.39 -41.68 -50.44
N VAL D 73 7.54 -40.62 -49.64
CA VAL D 73 7.84 -39.29 -50.17
C VAL D 73 8.97 -38.74 -49.29
N LYS D 74 10.03 -38.17 -49.85
CA LYS D 74 11.19 -37.81 -49.01
C LYS D 74 11.56 -36.35 -49.14
N GLY D 75 12.17 -35.78 -48.10
CA GLY D 75 12.43 -34.36 -48.06
C GLY D 75 13.63 -33.96 -47.22
N VAL D 76 14.36 -32.94 -47.68
CA VAL D 76 15.45 -32.37 -46.90
C VAL D 76 15.15 -30.90 -46.65
N LEU D 77 14.82 -30.59 -45.40
CA LEU D 77 14.42 -29.23 -45.04
C LEU D 77 15.47 -28.55 -44.16
N THR D 78 15.83 -27.32 -44.53
CA THR D 78 16.72 -26.51 -43.71
C THR D 78 15.88 -25.48 -42.96
N LEU D 79 15.85 -25.64 -41.64
CA LEU D 79 15.06 -24.84 -40.72
C LEU D 79 15.94 -24.05 -39.75
N GLN D 80 15.92 -22.73 -39.88
CA GLN D 80 16.71 -21.88 -39.01
C GLN D 80 15.83 -21.03 -38.08
N GLY D 81 15.71 -21.47 -36.83
CA GLY D 81 14.85 -20.80 -35.86
C GLY D 81 13.39 -21.04 -36.15
N ASP D 82 12.70 -20.02 -36.63
CA ASP D 82 11.29 -20.15 -37.00
C ASP D 82 11.15 -20.18 -38.52
N ALA D 83 12.27 -19.98 -39.20
CA ALA D 83 12.26 -19.84 -40.65
C ALA D 83 12.65 -21.13 -41.34
N LEU D 84 11.75 -21.65 -42.16
CA LEU D 84 12.08 -22.77 -43.04
C LEU D 84 12.82 -22.19 -44.23
N SER D 85 14.14 -22.15 -44.11
CA SER D 85 14.96 -21.46 -45.10
C SER D 85 14.97 -22.20 -46.42
N GLN D 86 14.92 -23.53 -46.37
CA GLN D 86 14.81 -24.28 -47.62
C GLN D 86 14.06 -25.61 -47.49
N ALA D 87 13.42 -26.05 -48.55
CA ALA D 87 12.66 -27.29 -48.54
C ALA D 87 12.77 -28.08 -49.84
N ASP D 88 13.58 -29.13 -49.83
CA ASP D 88 13.86 -29.88 -51.04
C ASP D 88 13.09 -31.20 -51.04
N VAL D 89 12.16 -31.35 -51.98
CA VAL D 89 11.21 -32.45 -51.90
C VAL D 89 11.24 -33.40 -53.08
N ASN D 90 11.29 -34.70 -52.80
CA ASN D 90 11.15 -35.71 -53.84
C ASN D 90 9.86 -36.50 -53.64
N LEU D 91 9.08 -36.60 -54.71
CA LEU D 91 7.80 -37.33 -54.67
C LEU D 91 7.90 -38.48 -55.67
N LYS D 92 7.72 -39.71 -55.17
CA LYS D 92 7.79 -40.90 -56.03
C LYS D 92 6.41 -41.32 -56.53
N MET D 93 6.17 -41.02 -57.78
CA MET D 93 4.90 -41.25 -58.44
C MET D 93 4.82 -42.59 -59.18
N PRO D 94 3.64 -42.94 -59.73
CA PRO D 94 3.60 -44.25 -60.38
C PRO D 94 4.53 -44.37 -61.57
N ARG D 95 4.92 -43.25 -62.20
CA ARG D 95 5.96 -43.21 -63.25
C ARG D 95 6.80 -44.49 -63.43
N LEU D 99 9.19 -39.75 -60.53
CA LEU D 99 9.77 -38.95 -59.46
C LEU D 99 9.90 -37.49 -59.85
N LEU D 100 9.40 -36.60 -59.00
CA LEU D 100 9.69 -35.18 -59.20
C LEU D 100 10.44 -34.59 -58.02
N HIS D 101 11.12 -33.48 -58.29
CA HIS D 101 12.05 -32.84 -57.35
C HIS D 101 11.74 -31.37 -57.28
N PHE D 102 11.66 -30.82 -56.08
CA PHE D 102 11.29 -29.42 -55.95
C PHE D 102 12.17 -28.72 -54.95
N ALA D 103 12.22 -27.40 -55.09
CA ALA D 103 12.96 -26.58 -54.16
C ALA D 103 12.36 -25.19 -54.16
N PHE D 104 12.77 -24.39 -53.17
CA PHE D 104 12.29 -23.02 -53.05
C PHE D 104 12.99 -22.14 -54.08
N ARG D 105 12.67 -20.85 -54.05
CA ARG D 105 13.25 -19.89 -55.00
C ARG D 105 14.74 -19.69 -54.72
N GLU D 106 15.31 -20.56 -53.91
CA GLU D 106 16.72 -20.48 -53.56
C GLU D 106 16.83 -19.29 -52.61
N ASP D 107 16.32 -18.14 -53.06
CA ASP D 107 16.37 -16.92 -52.25
C ASP D 107 15.34 -16.78 -51.13
N LYS D 108 14.21 -17.48 -51.26
CA LYS D 108 13.18 -17.42 -50.27
C LYS D 108 13.04 -18.26 -49.00
N GLN D 109 12.45 -17.68 -47.96
CA GLN D 109 12.26 -18.39 -46.70
C GLN D 109 10.77 -18.43 -46.32
N TRP D 110 10.28 -19.61 -45.94
CA TRP D 110 8.92 -19.74 -45.42
C TRP D 110 8.92 -19.82 -43.89
N LYS D 111 8.24 -18.88 -43.24
CA LYS D 111 8.20 -18.88 -41.78
C LYS D 111 7.06 -19.74 -41.25
N LEU D 112 7.40 -20.59 -40.29
CA LEU D 112 6.41 -21.43 -39.60
C LEU D 112 5.82 -20.70 -38.40
N GLN D 113 4.55 -20.31 -38.52
CA GLN D 113 3.92 -19.41 -37.55
C GLN D 113 3.84 -20.00 -36.14
N GLN D 114 3.71 -21.32 -36.05
CA GLN D 114 3.62 -22.01 -34.76
C GLN D 114 4.80 -21.68 -33.84
N ILE D 115 6.00 -21.68 -34.41
CA ILE D 115 7.21 -21.43 -33.64
C ILE D 115 7.26 -19.99 -33.17
N GLN D 116 6.87 -19.06 -34.05
CA GLN D 116 6.82 -17.65 -33.71
C GLN D 116 5.86 -17.41 -32.55
N ASP D 117 4.67 -17.99 -32.66
CA ASP D 117 3.64 -17.89 -31.62
C ASP D 117 4.14 -18.44 -30.27
N ALA D 118 4.68 -19.66 -30.32
CA ALA D 118 5.22 -20.31 -29.13
C ALA D 118 6.29 -19.44 -28.47
N ARG D 119 7.18 -18.89 -29.30
CA ARG D 119 8.26 -18.05 -28.80
C ARG D 119 7.68 -16.81 -28.13
N ASN D 120 6.59 -16.29 -28.70
CA ASN D 120 5.91 -15.16 -28.07
C ASN D 120 5.36 -15.50 -26.69
N HIS D 121 4.69 -16.64 -26.57
CA HIS D 121 4.15 -17.05 -25.29
C HIS D 121 5.27 -17.23 -24.26
N VAL D 122 6.37 -17.83 -24.69
CA VAL D 122 7.54 -17.98 -23.81
C VAL D 122 8.05 -16.62 -23.35
N SER D 123 8.16 -15.68 -24.28
CA SER D 123 8.59 -14.33 -23.97
C SER D 123 7.70 -13.68 -22.91
N GLN D 124 6.39 -13.85 -23.07
CA GLN D 124 5.43 -13.29 -22.14
C GLN D 124 5.55 -13.91 -20.75
N ALA D 125 5.69 -15.24 -20.70
CA ALA D 125 5.88 -15.92 -19.43
C ALA D 125 7.12 -15.39 -18.69
N ILE D 126 8.22 -15.29 -19.43
CA ILE D 126 9.46 -14.79 -18.84
C ILE D 126 9.28 -13.35 -18.36
N TYR D 127 8.54 -12.55 -19.11
CA TYR D 127 8.27 -11.19 -18.65
C TYR D 127 7.50 -11.21 -17.34
N LEU D 128 6.48 -12.05 -17.27
CA LEU D 128 5.69 -12.22 -16.06
C LEU D 128 6.57 -12.56 -14.87
N LEU D 129 7.62 -13.34 -15.10
CA LEU D 129 8.51 -13.71 -14.00
C LEU D 129 9.57 -12.66 -13.64
N THR D 130 10.07 -11.92 -14.62
CA THR D 130 11.17 -11.00 -14.35
C THR D 130 10.73 -9.57 -14.01
N SER D 131 9.45 -9.28 -14.23
CA SER D 131 8.93 -7.93 -14.01
C SER D 131 8.22 -7.79 -12.68
N ARG D 132 8.68 -8.55 -11.70
CA ARG D 132 8.10 -8.58 -10.37
C ARG D 132 9.21 -8.35 -9.36
N ASP D 133 8.91 -7.66 -8.26
CA ASP D 133 9.93 -7.48 -7.24
C ASP D 133 10.01 -8.74 -6.38
N GLN D 134 11.18 -9.32 -6.43
CA GLN D 134 11.52 -10.57 -5.78
C GLN D 134 11.86 -10.28 -4.31
N SER D 135 11.64 -9.04 -3.90
CA SER D 135 11.86 -8.62 -2.52
C SER D 135 10.68 -8.24 -1.63
N TYR D 136 9.46 -8.67 -1.95
CA TYR D 136 8.33 -8.24 -1.03
C TYR D 136 7.95 -9.41 0.02
N GLN D 137 7.58 -8.96 1.23
CA GLN D 137 7.01 -9.77 2.29
C GLN D 137 5.77 -10.69 1.97
N PHE D 138 5.62 -11.83 2.65
CA PHE D 138 4.69 -12.79 2.09
C PHE D 138 3.26 -12.42 2.48
N LYS D 139 2.34 -12.73 1.57
CA LYS D 139 0.93 -12.45 1.79
C LYS D 139 0.09 -13.72 1.71
N THR D 140 -1.21 -13.55 1.48
CA THR D 140 -2.13 -14.68 1.39
C THR D 140 -1.65 -15.70 0.36
N GLY D 141 -1.48 -15.25 -0.88
CA GLY D 141 -1.03 -16.12 -1.95
C GLY D 141 -1.85 -15.97 -3.21
N ALA D 142 -3.08 -15.48 -3.06
CA ALA D 142 -3.97 -15.29 -4.20
C ALA D 142 -3.29 -14.53 -5.32
N GLU D 143 -2.33 -13.70 -4.96
CA GLU D 143 -1.56 -12.94 -5.94
C GLU D 143 -0.56 -13.86 -6.62
N VAL D 144 0.08 -14.72 -5.83
CA VAL D 144 0.98 -15.73 -6.37
C VAL D 144 0.16 -16.65 -7.26
N LEU D 145 -1.04 -17.02 -6.81
CA LEU D 145 -1.93 -17.87 -7.57
C LEU D 145 -2.26 -17.25 -8.92
N LYS D 146 -2.50 -15.94 -8.95
CA LYS D 146 -2.78 -15.28 -10.22
C LYS D 146 -1.56 -15.27 -11.13
N LEU D 147 -0.38 -15.01 -10.56
CA LEU D 147 0.87 -15.08 -11.33
C LEU D 147 1.05 -16.46 -11.97
N MET D 148 0.88 -17.49 -11.14
CA MET D 148 0.98 -18.88 -11.58
C MET D 148 0.01 -19.19 -12.70
N ASP D 149 -1.24 -18.74 -12.55
CA ASP D 149 -2.25 -18.96 -13.59
C ASP D 149 -1.81 -18.31 -14.90
N ALA D 150 -1.32 -17.07 -14.81
CA ALA D 150 -0.88 -16.35 -16.00
C ALA D 150 0.24 -17.11 -16.73
N VAL D 151 1.29 -17.45 -15.98
CA VAL D 151 2.42 -18.17 -16.54
C VAL D 151 1.98 -19.50 -17.16
N MET D 152 1.19 -20.27 -16.42
CA MET D 152 0.74 -21.58 -16.89
C MET D 152 -0.10 -21.44 -18.15
N LEU D 153 -0.88 -20.37 -18.24
CA LEU D 153 -1.68 -20.13 -19.43
C LEU D 153 -0.77 -19.91 -20.62
N GLN D 154 0.27 -19.10 -20.41
CA GLN D 154 1.24 -18.86 -21.49
C GLN D 154 1.95 -20.15 -21.94
N LEU D 155 2.38 -20.97 -20.98
CA LEU D 155 3.04 -22.24 -21.31
C LEU D 155 2.12 -23.19 -22.08
N THR D 156 0.92 -23.40 -21.55
CA THR D 156 -0.05 -24.30 -22.19
C THR D 156 -0.42 -23.80 -23.57
N ARG D 157 -0.45 -22.49 -23.75
CA ARG D 157 -0.75 -21.93 -25.06
C ARG D 157 0.40 -22.19 -26.04
N ALA D 158 1.63 -21.97 -25.57
CA ALA D 158 2.81 -22.29 -26.38
C ALA D 158 2.76 -23.74 -26.86
N ARG D 159 2.56 -24.66 -25.92
CA ARG D 159 2.48 -26.08 -26.23
C ARG D 159 1.37 -26.37 -27.23
N ASN D 160 0.21 -25.76 -26.99
CA ASN D 160 -0.96 -25.98 -27.84
C ASN D 160 -0.73 -25.51 -29.27
N ARG D 161 -0.01 -24.40 -29.41
CA ARG D 161 0.30 -23.84 -30.71
C ARG D 161 1.28 -24.74 -31.42
N LEU D 162 2.22 -25.29 -30.66
CA LEU D 162 3.20 -26.19 -31.24
C LEU D 162 2.48 -27.41 -31.83
N THR D 163 1.35 -27.78 -31.23
CA THR D 163 0.58 -28.96 -31.66
C THR D 163 -0.09 -28.71 -33.03
N THR D 164 -0.43 -29.79 -33.74
CA THR D 164 -1.06 -29.71 -35.07
C THR D 164 -2.34 -28.89 -35.06
N PRO D 165 -2.37 -27.82 -35.86
CA PRO D 165 -3.66 -27.13 -35.88
C PRO D 165 -4.69 -27.88 -36.73
N ALA D 166 -5.82 -28.21 -36.10
CA ALA D 166 -6.88 -28.96 -36.75
C ALA D 166 -7.69 -28.11 -37.71
N THR D 167 -7.81 -26.83 -37.39
CA THR D 167 -8.70 -25.93 -38.11
C THR D 167 -8.10 -25.31 -39.36
N LEU D 168 -7.18 -26.02 -39.99
CA LEU D 168 -6.56 -25.47 -41.19
C LEU D 168 -7.24 -26.19 -42.35
N THR D 169 -7.94 -25.42 -43.17
CA THR D 169 -8.61 -25.96 -44.36
C THR D 169 -7.69 -26.07 -45.55
N LEU D 170 -8.03 -27.00 -46.44
CA LEU D 170 -7.31 -27.19 -47.70
C LEU D 170 -7.26 -25.91 -48.55
N PRO D 171 -8.37 -25.16 -48.65
CA PRO D 171 -8.25 -23.86 -49.34
C PRO D 171 -7.31 -22.87 -48.64
N GLU D 172 -7.19 -22.96 -47.32
CA GLU D 172 -6.25 -22.10 -46.60
C GLU D 172 -4.82 -22.53 -46.90
N ILE D 173 -4.61 -23.84 -47.03
CA ILE D 173 -3.32 -24.39 -47.42
C ILE D 173 -2.95 -23.92 -48.82
N ALA D 174 -3.92 -23.94 -49.73
CA ALA D 174 -3.72 -23.49 -51.09
C ALA D 174 -3.42 -21.98 -51.15
N ALA D 175 -4.09 -21.22 -50.30
CA ALA D 175 -3.93 -19.76 -50.27
C ALA D 175 -2.66 -19.37 -49.53
N SER D 176 -2.00 -20.37 -48.94
CA SER D 176 -0.75 -20.13 -48.23
C SER D 176 0.37 -19.82 -49.22
N GLY D 177 1.31 -18.99 -48.77
CA GLY D 177 2.43 -18.59 -49.61
C GLY D 177 3.33 -19.74 -50.03
N LEU D 178 3.31 -20.82 -49.24
CA LEU D 178 4.18 -21.97 -49.47
C LEU D 178 4.02 -22.54 -50.88
N THR D 179 2.79 -22.59 -51.36
CA THR D 179 2.51 -23.09 -52.70
C THR D 179 3.24 -22.26 -53.75
N ARG D 180 3.24 -20.94 -53.57
CA ARG D 180 3.94 -20.03 -54.46
C ARG D 180 5.46 -20.19 -54.39
N MET D 181 5.95 -20.88 -53.35
CA MET D 181 7.35 -20.77 -52.97
C MET D 181 8.25 -21.73 -53.76
N PHE D 182 7.64 -22.61 -54.54
CA PHE D 182 8.40 -23.63 -55.25
C PHE D 182 8.65 -23.24 -56.71
N PRO D 184 10.93 -26.23 -58.92
CA PRO D 184 10.25 -25.39 -59.92
C PRO D 184 8.80 -25.11 -59.55
N ALA D 185 8.22 -24.05 -60.09
CA ALA D 185 6.81 -23.72 -59.89
C ALA D 185 5.94 -24.90 -60.31
N LEU D 186 4.97 -25.27 -59.47
CA LEU D 186 4.22 -26.52 -59.68
C LEU D 186 2.70 -26.46 -59.85
N PRO D 187 2.14 -27.49 -60.47
CA PRO D 187 0.72 -27.51 -60.84
C PRO D 187 -0.29 -27.44 -59.67
N SER D 188 -1.55 -27.50 -60.06
CA SER D 188 -2.72 -27.44 -59.18
C SER D 188 -3.35 -28.83 -59.14
N ASP D 189 -2.50 -29.86 -59.14
CA ASP D 189 -2.87 -31.25 -58.80
C ASP D 189 -2.08 -31.58 -57.53
N LEU D 190 -1.29 -30.62 -57.08
CA LEU D 190 -0.47 -30.80 -55.90
C LEU D 190 -0.53 -29.60 -54.97
N LEU D 191 -0.66 -29.92 -53.70
CA LEU D 191 -0.57 -28.93 -52.64
C LEU D 191 0.46 -29.41 -51.62
N VAL D 192 1.25 -28.48 -51.11
CA VAL D 192 2.29 -28.81 -50.16
C VAL D 192 2.11 -28.03 -48.88
N ASN D 193 2.13 -28.74 -47.75
CA ASN D 193 1.99 -28.10 -46.47
C ASN D 193 3.09 -28.54 -45.51
N VAL D 194 3.69 -27.58 -44.83
CA VAL D 194 4.72 -27.87 -43.85
C VAL D 194 4.30 -27.24 -42.52
N TYR D 195 4.25 -28.05 -41.47
CA TYR D 195 3.80 -27.55 -40.19
C TYR D 195 4.51 -28.25 -39.06
N ILE D 196 4.22 -27.86 -37.82
CA ILE D 196 4.80 -28.50 -36.65
C ILE D 196 3.77 -29.27 -35.80
N ASN D 197 4.18 -30.44 -35.32
CA ASN D 197 3.32 -31.27 -34.49
C ASN D 197 3.99 -31.66 -33.18
N LEU D 198 4.05 -30.70 -32.25
CA LEU D 198 4.64 -31.00 -30.95
C LEU D 198 6.16 -31.13 -30.73
N ASN D 199 6.76 -32.02 -31.53
CA ASN D 199 8.16 -32.37 -31.42
C ASN D 199 8.57 -32.91 -32.78
N LYS D 200 7.75 -32.66 -33.79
CA LYS D 200 8.00 -33.19 -35.13
C LYS D 200 7.70 -32.18 -36.22
N LEU D 201 8.71 -31.86 -37.02
CA LEU D 201 8.54 -31.13 -38.26
C LEU D 201 7.86 -32.04 -39.28
N CYS D 202 6.78 -31.54 -39.87
CA CYS D 202 5.90 -32.35 -40.71
C CYS D 202 5.74 -31.80 -42.12
N LEU D 203 5.92 -32.69 -43.10
CA LEU D 203 5.71 -32.37 -44.50
C LEU D 203 4.59 -33.25 -45.06
N THR D 204 3.57 -32.61 -45.61
CA THR D 204 2.43 -33.32 -46.18
C THR D 204 2.17 -32.86 -47.61
N VAL D 205 2.02 -33.83 -48.51
CA VAL D 205 1.68 -33.54 -49.90
C VAL D 205 0.29 -34.08 -50.22
N TYR D 206 -0.57 -33.17 -50.67
CA TYR D 206 -1.92 -33.50 -51.09
C TYR D 206 -1.96 -33.64 -52.60
N GLN D 207 -2.31 -34.83 -53.04
CA GLN D 207 -2.49 -35.15 -54.44
C GLN D 207 -3.98 -35.01 -54.76
N LEU D 208 -4.31 -34.12 -55.69
CA LEU D 208 -5.70 -33.73 -55.95
C LEU D 208 -6.33 -34.34 -57.22
N HIS D 209 -7.60 -34.01 -57.42
CA HIS D 209 -8.37 -34.50 -58.56
C HIS D 209 -9.59 -33.62 -58.84
N ALA D 210 -9.55 -32.88 -59.95
CA ALA D 210 -10.70 -32.08 -60.35
C ALA D 210 -11.91 -32.98 -60.59
N LEU D 211 -13.07 -32.51 -60.14
CA LEU D 211 -14.31 -33.29 -60.28
C LEU D 211 -15.23 -32.87 -61.42
N GLN D 212 -15.86 -33.87 -62.00
CA GLN D 212 -16.81 -33.73 -63.09
C GLN D 212 -17.98 -32.84 -62.65
N PRO D 213 -18.57 -32.08 -63.60
CA PRO D 213 -19.86 -31.45 -63.32
C PRO D 213 -20.93 -32.45 -62.92
N GLY D 224 -17.04 -29.05 -44.43
CA GLY D 224 -16.37 -29.22 -45.70
C GLY D 224 -14.93 -28.73 -45.65
N ALA D 225 -14.09 -29.31 -46.52
CA ALA D 225 -12.68 -28.91 -46.69
C ALA D 225 -11.83 -29.16 -45.44
N VAL D 226 -12.46 -29.72 -44.42
CA VAL D 226 -11.83 -29.90 -43.11
C VAL D 226 -11.20 -31.29 -42.92
N LEU D 227 -11.78 -32.29 -43.58
CA LEU D 227 -11.38 -33.69 -43.41
C LEU D 227 -9.89 -34.04 -43.54
N HIS D 228 -9.18 -33.42 -44.49
CA HIS D 228 -7.77 -33.72 -44.75
C HIS D 228 -7.49 -35.20 -45.08
N SER D 229 -8.54 -35.95 -45.38
CA SER D 229 -8.40 -37.37 -45.70
C SER D 229 -8.71 -37.60 -47.17
N PRO D 230 -8.23 -38.72 -47.74
CA PRO D 230 -8.58 -39.07 -49.12
C PRO D 230 -10.09 -39.14 -49.34
N GLY D 231 -10.59 -38.35 -50.29
CA GLY D 231 -12.01 -38.31 -50.59
C GLY D 231 -12.67 -37.04 -50.05
N ALA D 232 -11.86 -36.08 -49.66
CA ALA D 232 -12.34 -34.80 -49.17
C ALA D 232 -12.47 -33.82 -50.33
N MET D 233 -13.52 -32.99 -50.29
CA MET D 233 -13.82 -32.10 -51.39
C MET D 233 -13.83 -30.65 -50.93
N PHE D 234 -13.50 -29.73 -51.83
CA PHE D 234 -13.41 -28.31 -51.51
C PHE D 234 -13.29 -27.50 -52.78
N GLU D 235 -13.49 -26.19 -52.67
CA GLU D 235 -13.36 -25.34 -53.85
C GLU D 235 -12.10 -24.49 -53.67
N TRP D 236 -11.48 -24.17 -54.80
CA TRP D 236 -10.25 -23.39 -54.83
C TRP D 236 -10.27 -22.58 -56.12
N GLY D 237 -9.84 -21.33 -56.07
CA GLY D 237 -9.85 -20.47 -57.24
C GLY D 237 -11.26 -20.24 -57.73
N SER D 238 -11.61 -20.92 -58.83
CA SER D 238 -12.97 -20.96 -59.36
C SER D 238 -13.35 -22.39 -59.75
N GLN D 239 -12.52 -23.33 -59.32
CA GLN D 239 -12.66 -24.75 -59.65
C GLN D 239 -12.97 -25.59 -58.41
N ARG D 240 -13.65 -26.72 -58.63
CA ARG D 240 -13.96 -27.65 -57.55
C ARG D 240 -13.04 -28.87 -57.57
N LEU D 241 -12.40 -29.14 -56.43
CA LEU D 241 -11.35 -30.13 -56.33
C LEU D 241 -11.60 -31.18 -55.23
N GLU D 242 -11.03 -32.37 -55.43
CA GLU D 242 -11.09 -33.44 -54.43
C GLU D 242 -9.70 -33.99 -54.14
N VAL D 243 -9.40 -34.20 -52.85
CA VAL D 243 -8.14 -34.81 -52.46
C VAL D 243 -8.13 -36.28 -52.87
N SER D 244 -7.17 -36.65 -53.71
CA SER D 244 -7.09 -38.03 -54.19
C SER D 244 -6.20 -38.89 -53.30
N HIS D 245 -5.02 -38.38 -52.94
CA HIS D 245 -4.17 -39.10 -51.99
C HIS D 245 -3.44 -38.15 -51.06
N VAL D 246 -3.00 -38.67 -49.92
CA VAL D 246 -2.29 -37.86 -48.92
C VAL D 246 -1.00 -38.54 -48.51
N HIS D 247 0.12 -37.82 -48.60
CA HIS D 247 1.40 -38.38 -48.18
C HIS D 247 1.97 -37.57 -47.01
N LYS D 248 2.27 -38.26 -45.92
CA LYS D 248 2.70 -37.61 -44.68
C LYS D 248 4.05 -38.11 -44.19
N VAL D 249 5.05 -37.23 -44.12
CA VAL D 249 6.33 -37.59 -43.50
C VAL D 249 6.69 -36.62 -42.39
N GLU D 250 7.47 -37.08 -41.43
CA GLU D 250 7.81 -36.25 -40.29
C GLU D 250 9.18 -36.59 -39.70
N CYS D 251 9.73 -35.66 -38.93
CA CYS D 251 11.04 -35.83 -38.32
C CYS D 251 11.12 -35.08 -36.99
N VAL D 252 11.68 -35.71 -35.96
CA VAL D 252 11.83 -35.07 -34.67
C VAL D 252 12.80 -33.88 -34.71
N ILE D 253 12.37 -32.77 -34.12
CA ILE D 253 13.23 -31.60 -33.93
C ILE D 253 13.72 -31.54 -32.48
N PRO D 254 14.99 -31.89 -32.25
CA PRO D 254 15.56 -32.04 -30.90
C PRO D 254 15.32 -30.86 -29.96
N TRP D 255 15.50 -29.64 -30.45
CA TRP D 255 15.38 -28.46 -29.59
C TRP D 255 13.91 -28.16 -29.26
N LEU D 256 13.01 -28.51 -30.17
CA LEU D 256 11.58 -28.44 -29.88
C LEU D 256 11.23 -29.40 -28.75
N ASN D 257 11.77 -30.61 -28.83
CA ASN D 257 11.57 -31.60 -27.77
C ASN D 257 12.08 -31.10 -26.42
N ASP D 258 13.27 -30.51 -26.43
CA ASP D 258 13.81 -29.93 -25.20
C ASP D 258 12.89 -28.84 -24.65
N ALA D 259 12.40 -27.99 -25.55
CA ALA D 259 11.49 -26.91 -25.17
C ALA D 259 10.21 -27.46 -24.54
N LEU D 260 9.63 -28.47 -25.17
CA LEU D 260 8.40 -29.09 -24.66
C LEU D 260 8.62 -29.69 -23.28
N VAL D 261 9.75 -30.37 -23.11
CA VAL D 261 10.11 -30.95 -21.83
C VAL D 261 10.16 -29.86 -20.77
N TYR D 262 10.79 -28.73 -21.15
CA TYR D 262 10.84 -27.56 -20.28
C TYR D 262 9.46 -27.03 -19.90
N PHE D 263 8.55 -26.98 -20.88
CA PHE D 263 7.17 -26.53 -20.64
C PHE D 263 6.49 -27.42 -19.61
N THR D 264 6.59 -28.73 -19.82
CA THR D 264 5.98 -29.70 -18.92
C THR D 264 6.50 -29.53 -17.50
N VAL D 265 7.83 -29.48 -17.37
CA VAL D 265 8.45 -29.33 -16.05
C VAL D 265 8.02 -28.03 -15.37
N SER D 266 7.99 -26.93 -16.12
CA SER D 266 7.57 -25.65 -15.59
C SER D 266 6.12 -25.68 -15.10
N LEU D 267 5.25 -26.28 -15.92
CA LEU D 267 3.86 -26.44 -15.55
C LEU D 267 3.72 -27.20 -14.23
N GLN D 268 4.48 -28.28 -14.09
CA GLN D 268 4.40 -29.05 -12.86
C GLN D 268 4.92 -28.24 -11.66
N LEU D 269 6.00 -27.49 -11.85
CA LEU D 269 6.52 -26.64 -10.77
C LEU D 269 5.47 -25.63 -10.30
N CYS D 270 4.83 -24.98 -11.27
CA CYS D 270 3.76 -24.03 -11.00
C CYS D 270 2.62 -24.68 -10.23
N GLN D 271 2.17 -25.84 -10.70
CA GLN D 271 1.07 -26.57 -10.07
C GLN D 271 1.41 -26.96 -8.63
N GLN D 272 2.64 -27.38 -8.41
CA GLN D 272 3.10 -27.76 -7.07
C GLN D 272 3.05 -26.56 -6.15
N LEU D 273 3.52 -25.41 -6.63
CA LEU D 273 3.49 -24.21 -5.82
C LEU D 273 2.05 -23.79 -5.48
N LYS D 274 1.17 -23.84 -6.48
CA LYS D 274 -0.25 -23.55 -6.26
C LYS D 274 -0.86 -24.44 -5.18
N ASP D 275 -0.57 -25.73 -5.28
CA ASP D 275 -1.12 -26.72 -4.35
C ASP D 275 -0.61 -26.50 -2.91
N LYS D 276 0.69 -26.24 -2.78
CA LYS D 276 1.27 -25.97 -1.47
C LYS D 276 0.67 -24.70 -0.86
N ILE D 277 0.51 -23.66 -1.67
CA ILE D 277 -0.09 -22.42 -1.20
C ILE D 277 -1.53 -22.66 -0.72
N SER D 278 -2.29 -23.46 -1.47
CA SER D 278 -3.64 -23.80 -1.08
C SER D 278 -3.68 -24.56 0.25
N VAL D 279 -2.78 -25.53 0.40
CA VAL D 279 -2.69 -26.31 1.63
C VAL D 279 -2.41 -25.39 2.82
N PHE D 280 -1.47 -24.48 2.64
CA PHE D 280 -1.09 -23.52 3.68
C PHE D 280 -2.30 -22.67 4.09
N SER D 281 -2.93 -22.08 3.08
CA SER D 281 -4.01 -21.15 3.31
C SER D 281 -5.22 -21.82 3.97
N SER D 282 -5.48 -23.07 3.60
CA SER D 282 -6.58 -23.81 4.22
C SER D 282 -6.18 -24.29 5.60
N TYR D 283 -4.88 -24.45 5.82
CA TYR D 283 -4.37 -24.97 7.09
C TYR D 283 -4.56 -23.95 8.18
N TRP D 284 -4.31 -22.68 7.86
CA TRP D 284 -4.35 -21.70 8.94
C TRP D 284 -5.69 -20.95 9.03
N SER D 285 -6.58 -21.18 8.08
CA SER D 285 -7.92 -20.59 8.14
C SER D 285 -8.89 -21.48 8.90
#